data_6ZDP
#
_entry.id   6ZDP
#
_cell.length_a   95.095
_cell.length_b   201.729
_cell.length_c   138.840
_cell.angle_alpha   90.000
_cell.angle_beta   90.000
_cell.angle_gamma   90.000
#
_symmetry.space_group_name_H-M   'C 2 2 21'
#
loop_
_entity.id
_entity.type
_entity.pdbx_description
1 polymer 'Telomerase reverse transcriptase'
2 polymer 'Chains: B'
3 non-polymer 'POTASSIUM ION'
4 water water
#
loop_
_entity_poly.entity_id
_entity_poly.type
_entity_poly.pdbx_seq_one_letter_code
_entity_poly.pdbx_strand_id
1 'polypeptide(L)'
;KWIYKFDVLYQSRNPRYRNYEIIRTNVQEVLAEIVSPSTKNPNSENPAVKKRFRGIKNVVSRIISNDKKCRYDLIYNKYL
SSSDTRKLKT(MSE)IDYSTKFNRVVEVVLII(MSE)GKLLPLDAWGGTENKKVIQDRIVDFLRLGANERLHLDDVLSGI
KLSKFKWLGVGNNISSQQDFQIRKRLLEGYINWVFISLVKNIVRAFWYVTESSN(MSE)DRSKLFYFTHSIWNELSSNWI
TKYAKGNLVQVVSPESKGQFTNGKIKLIPKRGGFRVICVPLKQSLYSFNNKRNFALKQKEKWDYIFYQKYTLSPVRQVLQ
LKLNALRKSD(MSE)GHRSSVNSTNEVADRILTFRNDLLKKNKTLPVLY(MSE)IKFD(MSE)KECYDRLNQNALKESIA
GIFKEDNENTTYHVREYGTLDEFLKLKRVRTLIETEVQNFNIIMNSKDEAEAGSRSYGTKVDKVKTLSISKNKIIEVCHS
QIEDATCLVKNKEGQYDLFKRKQGVFQGFSLSGIFCDILYST(MSE)VSKEFKFLWEATEDNLLLRLVDDFIFITSNKDT
LKKVKDKISSNELQKYGAFVNHEKTVEINGEAGSSNK(MSE)TFVGLDINCLTLDVKKDSSQFSRPTCKFRSFKALFSNL
KQFYCSNLSEFLLDFSSNSLETIRENVDAILKLTFEAIQTSFATISKQDSFERYRF(MSE)KFLHVIIETTIEKFARVNG
S(MSE)EGVEYLLTCIKITITKSLAF(MSE)ATKQEIIEWLYTLTIVD
;
A
2 'polyribonucleotide' GGUUUAGAUCUAAGGACUUCCUAAUUAGUGGUUUGUCCAAUGUUCUUCAUGGGCAUGCUAGACUCUGAACCC B
#
# COMPACT_ATOMS: atom_id res chain seq x y z
N LYS A 1 -13.72 11.83 -6.45
CA LYS A 1 -13.80 11.11 -5.19
C LYS A 1 -15.09 10.33 -5.07
N TRP A 2 -15.55 9.75 -6.18
CA TRP A 2 -16.84 9.06 -6.21
C TRP A 2 -16.72 7.58 -6.54
N ILE A 3 -15.96 7.22 -7.58
CA ILE A 3 -15.85 5.83 -8.01
C ILE A 3 -14.51 5.29 -7.53
N TYR A 4 -14.54 4.43 -6.52
CA TYR A 4 -13.33 3.83 -5.97
C TYR A 4 -13.11 2.45 -6.55
N LYS A 5 -11.84 2.03 -6.59
CA LYS A 5 -11.46 0.75 -7.18
C LYS A 5 -11.26 -0.35 -6.16
N PHE A 6 -11.02 -0.04 -4.89
CA PHE A 6 -10.78 -1.07 -3.90
C PHE A 6 -12.00 -1.95 -3.66
N ASP A 7 -13.19 -1.53 -4.11
CA ASP A 7 -14.36 -2.39 -4.01
C ASP A 7 -14.20 -3.66 -4.83
N VAL A 8 -13.46 -3.59 -5.92
CA VAL A 8 -13.27 -4.76 -6.79
C VAL A 8 -12.19 -5.68 -6.24
N LEU A 9 -11.24 -5.15 -5.48
CA LEU A 9 -10.04 -5.90 -5.11
C LEU A 9 -10.37 -7.06 -4.18
N TYR A 10 -9.62 -8.16 -4.36
CA TYR A 10 -9.55 -9.28 -3.42
C TYR A 10 -10.86 -10.05 -3.30
N GLN A 11 -11.79 -9.88 -4.24
CA GLN A 11 -13.07 -10.57 -4.19
C GLN A 11 -12.93 -11.91 -4.90
N SER A 12 -12.56 -12.93 -4.14
CA SER A 12 -12.44 -14.28 -4.67
C SER A 12 -13.77 -15.03 -4.56
N ARG A 13 -14.00 -15.93 -5.50
CA ARG A 13 -15.22 -16.73 -5.55
C ARG A 13 -15.08 -17.79 -6.63
N ASN A 14 -15.72 -18.93 -6.41
CA ASN A 14 -15.79 -19.98 -7.42
C ASN A 14 -17.10 -19.82 -8.18
N PRO A 15 -17.06 -19.44 -9.46
CA PRO A 15 -18.29 -19.15 -10.19
C PRO A 15 -18.85 -20.36 -10.92
N ARG A 16 -20.09 -20.19 -11.41
CA ARG A 16 -20.77 -21.18 -12.24
C ARG A 16 -21.57 -20.40 -13.28
N TYR A 17 -21.06 -20.35 -14.51
CA TYR A 17 -21.60 -19.48 -15.54
C TYR A 17 -22.72 -20.11 -16.36
N ARG A 18 -23.19 -21.29 -15.98
CA ARG A 18 -24.30 -21.91 -16.70
C ARG A 18 -25.59 -21.12 -16.50
N ASN A 19 -26.03 -21.00 -15.25
CA ASN A 19 -27.14 -20.14 -14.86
C ASN A 19 -26.55 -18.97 -14.08
N TYR A 20 -26.35 -17.85 -14.76
CA TYR A 20 -25.65 -16.72 -14.16
C TYR A 20 -26.21 -15.42 -14.72
N GLU A 21 -26.28 -14.40 -13.87
CA GLU A 21 -26.75 -13.08 -14.28
C GLU A 21 -26.18 -12.05 -13.31
N ILE A 22 -25.64 -10.96 -13.87
CA ILE A 22 -24.85 -10.03 -13.06
C ILE A 22 -25.75 -9.11 -12.25
N ILE A 23 -26.88 -8.68 -12.82
CA ILE A 23 -27.79 -7.79 -12.12
C ILE A 23 -28.61 -8.63 -11.14
N ARG A 24 -28.42 -8.39 -9.84
CA ARG A 24 -29.11 -9.13 -8.80
C ARG A 24 -30.38 -8.45 -8.30
N THR A 25 -30.64 -7.21 -8.74
CA THR A 25 -31.79 -6.45 -8.29
C THR A 25 -32.87 -6.44 -9.37
N ASN A 26 -34.00 -5.81 -9.05
CA ASN A 26 -35.15 -5.72 -9.94
C ASN A 26 -35.31 -4.30 -10.46
N VAL A 27 -36.22 -4.14 -11.42
CA VAL A 27 -36.39 -2.86 -12.09
C VAL A 27 -36.82 -1.78 -11.09
N GLN A 28 -37.62 -2.15 -10.10
CA GLN A 28 -38.03 -1.17 -9.09
C GLN A 28 -36.90 -0.86 -8.12
N GLU A 29 -36.00 -1.82 -7.89
CA GLU A 29 -34.90 -1.59 -6.97
C GLU A 29 -33.85 -0.68 -7.58
N VAL A 30 -33.49 -0.90 -8.85
CA VAL A 30 -32.52 -0.03 -9.51
C VAL A 30 -33.12 1.36 -9.72
N LEU A 31 -34.45 1.44 -9.88
CA LEU A 31 -35.09 2.74 -10.10
C LEU A 31 -34.84 3.69 -8.93
N ALA A 32 -34.99 3.20 -7.71
CA ALA A 32 -34.72 4.02 -6.54
C ALA A 32 -33.25 4.44 -6.49
N GLU A 33 -32.35 3.53 -6.86
CA GLU A 33 -30.92 3.84 -6.87
C GLU A 33 -30.57 4.91 -7.89
N ILE A 34 -31.37 5.08 -8.94
CA ILE A 34 -31.08 6.06 -9.97
C ILE A 34 -31.66 7.43 -9.61
N VAL A 35 -32.94 7.46 -9.23
CA VAL A 35 -33.61 8.74 -9.01
C VAL A 35 -33.24 9.34 -7.66
N SER A 36 -33.08 8.50 -6.63
CA SER A 36 -32.76 8.97 -5.28
C SER A 36 -31.81 7.98 -4.63
N PRO A 37 -30.51 8.13 -4.88
CA PRO A 37 -29.54 7.20 -4.26
C PRO A 37 -29.48 7.32 -2.75
N SER A 38 -29.75 8.51 -2.20
CA SER A 38 -29.72 8.70 -0.75
C SER A 38 -30.75 7.81 -0.06
N THR A 39 -32.03 7.99 -0.40
CA THR A 39 -33.12 7.29 0.26
C THR A 39 -34.03 6.65 -0.77
N LYS A 40 -34.63 5.52 -0.38
CA LYS A 40 -35.52 4.75 -1.22
C LYS A 40 -36.90 5.40 -1.22
N ASN A 41 -37.90 4.68 -1.78
CA ASN A 41 -39.26 5.17 -1.96
C ASN A 41 -39.27 6.40 -2.88
N PRO A 42 -38.94 6.24 -4.16
CA PRO A 42 -39.00 7.38 -5.09
C PRO A 42 -40.35 8.07 -5.17
N ASN A 43 -41.40 7.49 -4.58
CA ASN A 43 -42.71 8.14 -4.57
C ASN A 43 -42.70 9.45 -3.78
N SER A 44 -41.67 9.67 -2.96
CA SER A 44 -41.54 10.93 -2.23
C SER A 44 -41.04 12.07 -3.12
N GLU A 45 -40.48 11.76 -4.28
CA GLU A 45 -39.92 12.77 -5.16
C GLU A 45 -41.03 13.63 -5.76
N ASN A 46 -40.63 14.63 -6.55
CA ASN A 46 -41.54 15.59 -7.14
C ASN A 46 -42.30 14.99 -8.31
N PRO A 47 -43.50 15.50 -8.60
CA PRO A 47 -44.33 14.88 -9.66
C PRO A 47 -43.72 14.94 -11.05
N ALA A 48 -42.81 15.87 -11.32
CA ALA A 48 -42.24 15.97 -12.66
C ALA A 48 -41.27 14.83 -12.96
N VAL A 49 -40.64 14.27 -11.93
CA VAL A 49 -39.71 13.17 -12.18
C VAL A 49 -40.46 11.85 -12.34
N LYS A 50 -41.64 11.73 -11.73
CA LYS A 50 -42.46 10.54 -11.96
C LYS A 50 -42.95 10.46 -13.41
N LYS A 51 -43.10 11.61 -14.06
CA LYS A 51 -43.50 11.64 -15.46
C LYS A 51 -42.54 10.84 -16.33
N ARG A 52 -41.26 10.81 -15.97
CA ARG A 52 -40.23 10.10 -16.71
C ARG A 52 -39.84 8.78 -16.07
N PHE A 53 -40.59 8.32 -15.06
CA PHE A 53 -40.32 7.02 -14.47
C PHE A 53 -40.50 5.90 -15.48
N ARG A 54 -41.50 6.01 -16.35
CA ARG A 54 -41.74 4.97 -17.35
C ARG A 54 -40.51 4.73 -18.22
N GLY A 55 -39.89 5.80 -18.71
CA GLY A 55 -38.72 5.64 -19.57
C GLY A 55 -37.53 5.04 -18.83
N ILE A 56 -37.30 5.49 -17.59
CA ILE A 56 -36.22 4.93 -16.80
C ILE A 56 -36.53 3.48 -16.44
N LYS A 57 -37.81 3.18 -16.15
CA LYS A 57 -38.21 1.81 -15.88
C LYS A 57 -38.11 0.93 -17.13
N ASN A 58 -38.31 1.52 -18.31
CA ASN A 58 -38.28 0.75 -19.55
C ASN A 58 -36.87 0.27 -19.88
N VAL A 59 -35.90 1.18 -19.83
CA VAL A 59 -34.55 0.84 -20.28
C VAL A 59 -33.90 -0.18 -19.35
N VAL A 60 -34.14 -0.07 -18.05
CA VAL A 60 -33.51 -1.00 -17.11
C VAL A 60 -34.01 -2.42 -17.33
N SER A 61 -35.32 -2.58 -17.56
CA SER A 61 -35.86 -3.91 -17.85
C SER A 61 -35.25 -4.51 -19.11
N ARG A 62 -34.94 -3.66 -20.09
CA ARG A 62 -34.35 -4.16 -21.33
C ARG A 62 -32.96 -4.74 -21.10
N ILE A 63 -32.12 -4.01 -20.35
CA ILE A 63 -30.78 -4.52 -20.06
C ILE A 63 -30.86 -5.70 -19.10
N ILE A 64 -31.88 -5.76 -18.24
CA ILE A 64 -32.07 -6.91 -17.36
C ILE A 64 -32.46 -8.13 -18.17
N SER A 65 -33.42 -7.97 -19.09
CA SER A 65 -33.78 -9.07 -19.98
C SER A 65 -32.57 -9.56 -20.76
N ASN A 66 -31.77 -8.64 -21.31
CA ASN A 66 -30.52 -9.02 -21.94
C ASN A 66 -29.60 -9.73 -20.96
N ASP A 67 -29.56 -9.26 -19.71
CA ASP A 67 -28.73 -9.90 -18.69
C ASP A 67 -29.19 -11.32 -18.42
N LYS A 68 -30.51 -11.55 -18.39
CA LYS A 68 -31.02 -12.89 -18.11
C LYS A 68 -30.74 -13.86 -19.25
N LYS A 69 -30.74 -13.37 -20.49
CA LYS A 69 -30.46 -14.21 -21.65
C LYS A 69 -28.99 -14.16 -22.07
N CYS A 70 -28.17 -13.38 -21.38
CA CYS A 70 -26.74 -13.30 -21.69
C CYS A 70 -26.08 -14.63 -21.38
N ARG A 71 -25.52 -15.28 -22.41
CA ARG A 71 -24.84 -16.56 -22.24
C ARG A 71 -23.42 -16.30 -21.75
N TYR A 72 -23.27 -16.15 -20.43
CA TYR A 72 -21.95 -15.94 -19.85
C TYR A 72 -21.04 -17.14 -20.05
N ASP A 73 -21.62 -18.35 -20.11
CA ASP A 73 -20.81 -19.55 -20.32
C ASP A 73 -20.05 -19.48 -21.64
N LEU A 74 -20.73 -19.09 -22.72
CA LEU A 74 -20.06 -18.98 -24.01
C LEU A 74 -19.00 -17.88 -24.01
N ILE A 75 -19.25 -16.78 -23.28
CA ILE A 75 -18.28 -15.69 -23.25
C ILE A 75 -17.01 -16.11 -22.54
N TYR A 76 -17.14 -16.75 -21.38
CA TYR A 76 -15.97 -17.19 -20.62
C TYR A 76 -15.09 -18.11 -21.44
N ASN A 77 -15.67 -19.16 -22.01
CA ASN A 77 -14.91 -20.13 -22.79
C ASN A 77 -14.23 -19.48 -24.00
N LYS A 78 -14.91 -18.53 -24.63
CA LYS A 78 -14.41 -17.97 -25.89
C LYS A 78 -13.21 -17.07 -25.68
N TYR A 79 -13.23 -16.24 -24.64
CA TYR A 79 -12.24 -15.18 -24.49
C TYR A 79 -11.22 -15.39 -23.39
N LEU A 80 -11.62 -15.88 -22.22
CA LEU A 80 -10.72 -15.91 -21.07
C LEU A 80 -10.68 -17.28 -20.39
N SER A 81 -10.94 -18.34 -21.14
CA SER A 81 -10.82 -19.69 -20.61
C SER A 81 -10.09 -20.60 -21.58
N SER A 82 -9.04 -20.07 -22.22
CA SER A 82 -8.17 -20.85 -23.08
C SER A 82 -6.92 -21.33 -22.36
N SER A 83 -6.96 -21.38 -21.03
CA SER A 83 -5.78 -21.70 -20.24
C SER A 83 -5.30 -23.13 -20.52
N ASP A 84 -4.00 -23.32 -20.34
CA ASP A 84 -3.35 -24.61 -20.55
C ASP A 84 -2.39 -24.88 -19.40
N THR A 85 -2.14 -26.15 -19.13
CA THR A 85 -1.25 -26.56 -18.04
C THR A 85 0.19 -26.34 -18.48
N ARG A 86 0.60 -25.06 -18.45
CA ARG A 86 1.92 -24.68 -18.94
C ARG A 86 2.94 -24.46 -17.83
N LYS A 87 2.50 -24.22 -16.60
CA LYS A 87 3.40 -23.98 -15.46
C LYS A 87 4.33 -22.79 -15.73
N LEU A 88 3.70 -21.62 -15.91
CA LEU A 88 4.42 -20.43 -16.34
C LEU A 88 5.48 -20.01 -15.33
N LYS A 89 6.37 -19.13 -15.80
CA LYS A 89 7.53 -18.72 -15.01
C LYS A 89 7.12 -18.02 -13.72
N THR A 90 6.41 -16.89 -13.84
CA THR A 90 6.05 -16.06 -12.70
C THR A 90 4.54 -15.94 -12.58
N ILE A 92 2.46 -13.47 -12.12
CA ILE A 92 1.78 -12.43 -12.88
C ILE A 92 1.60 -12.78 -14.36
N ASP A 93 2.25 -13.86 -14.82
CA ASP A 93 2.05 -14.31 -16.19
C ASP A 93 0.75 -15.09 -16.36
N TYR A 94 0.15 -15.56 -15.27
CA TYR A 94 -1.15 -16.22 -15.32
C TYR A 94 -2.29 -15.24 -15.43
N SER A 95 -2.05 -13.96 -15.16
CA SER A 95 -3.12 -12.97 -15.17
C SER A 95 -3.69 -12.79 -16.57
N THR A 96 -4.98 -12.46 -16.62
CA THR A 96 -5.62 -12.12 -17.89
C THR A 96 -5.00 -10.84 -18.43
N LYS A 97 -4.67 -10.85 -19.72
CA LYS A 97 -4.09 -9.67 -20.36
C LYS A 97 -5.05 -8.49 -20.25
N PHE A 98 -4.48 -7.29 -20.04
CA PHE A 98 -5.33 -6.12 -19.81
C PHE A 98 -6.17 -5.79 -21.04
N ASN A 99 -5.64 -6.01 -22.24
CA ASN A 99 -6.45 -5.83 -23.43
C ASN A 99 -7.61 -6.82 -23.46
N ARG A 100 -7.42 -8.00 -22.88
CA ARG A 100 -8.47 -9.01 -22.88
C ARG A 100 -9.58 -8.67 -21.89
N VAL A 101 -9.21 -8.26 -20.67
CA VAL A 101 -10.22 -7.99 -19.65
C VAL A 101 -11.11 -6.82 -20.08
N VAL A 102 -10.51 -5.75 -20.60
CA VAL A 102 -11.32 -4.63 -21.07
C VAL A 102 -12.19 -5.09 -22.24
N GLU A 103 -11.68 -5.99 -23.08
CA GLU A 103 -12.49 -6.53 -24.16
C GLU A 103 -13.69 -7.29 -23.62
N VAL A 104 -13.46 -8.18 -22.66
CA VAL A 104 -14.56 -8.95 -22.08
C VAL A 104 -15.53 -8.04 -21.34
N VAL A 105 -15.01 -7.06 -20.60
CA VAL A 105 -15.88 -6.12 -19.89
C VAL A 105 -16.78 -5.38 -20.88
N LEU A 106 -16.18 -4.88 -21.97
CA LEU A 106 -16.94 -4.04 -22.89
C LEU A 106 -17.96 -4.85 -23.69
N ILE A 107 -17.57 -6.04 -24.16
CA ILE A 107 -18.51 -6.84 -24.96
C ILE A 107 -19.70 -7.29 -24.12
N ILE A 108 -19.48 -7.56 -22.84
CA ILE A 108 -20.61 -7.82 -21.94
C ILE A 108 -21.43 -6.56 -21.75
N GLY A 110 -21.53 -4.11 -23.83
CA GLY A 110 -22.15 -3.84 -25.12
C GLY A 110 -23.43 -4.64 -25.34
N LYS A 111 -23.43 -5.91 -24.93
CA LYS A 111 -24.62 -6.74 -25.06
C LYS A 111 -25.62 -6.53 -23.92
N LEU A 112 -25.24 -5.81 -22.87
CA LEU A 112 -26.18 -5.49 -21.80
C LEU A 112 -27.00 -4.25 -22.15
N LEU A 113 -26.33 -3.13 -22.41
CA LEU A 113 -27.02 -1.87 -22.65
C LEU A 113 -27.31 -1.69 -24.13
N PRO A 114 -28.54 -1.40 -24.51
CA PRO A 114 -28.80 -0.91 -25.87
C PRO A 114 -28.31 0.52 -26.02
N LEU A 115 -28.17 0.96 -27.28
CA LEU A 115 -27.67 2.31 -27.53
C LEU A 115 -28.60 3.37 -26.97
N ASP A 116 -29.86 3.02 -26.67
CA ASP A 116 -30.71 3.91 -25.90
C ASP A 116 -30.14 4.13 -24.51
N ALA A 117 -29.70 3.05 -23.85
CA ALA A 117 -29.10 3.16 -22.53
C ALA A 117 -27.71 3.80 -22.58
N TRP A 118 -27.03 3.72 -23.73
CA TRP A 118 -25.76 4.41 -23.88
C TRP A 118 -25.92 5.90 -24.14
N GLY A 119 -27.08 6.31 -24.66
CA GLY A 119 -27.29 7.70 -25.00
C GLY A 119 -26.75 8.03 -26.38
N GLY A 120 -27.08 7.21 -27.36
CA GLY A 120 -26.57 7.39 -28.70
C GLY A 120 -25.23 6.70 -28.90
N THR A 121 -24.76 6.75 -30.14
CA THR A 121 -23.48 6.11 -30.47
C THR A 121 -22.31 7.03 -30.17
N GLU A 122 -22.50 8.35 -30.25
CA GLU A 122 -21.40 9.26 -29.96
C GLU A 122 -21.10 9.32 -28.47
N ASN A 123 -22.08 9.02 -27.62
CA ASN A 123 -21.85 8.93 -26.18
C ASN A 123 -21.38 7.56 -25.75
N LYS A 124 -21.74 6.51 -26.50
CA LYS A 124 -21.32 5.16 -26.16
C LYS A 124 -19.80 5.06 -26.09
N LYS A 125 -19.12 5.57 -27.12
CA LYS A 125 -17.65 5.52 -27.12
C LYS A 125 -17.07 6.31 -25.96
N VAL A 126 -17.72 7.40 -25.55
CA VAL A 126 -17.24 8.16 -24.41
C VAL A 126 -17.33 7.33 -23.14
N ILE A 127 -18.50 6.73 -22.89
CA ILE A 127 -18.68 5.92 -21.69
C ILE A 127 -17.71 4.74 -21.70
N GLN A 128 -17.55 4.09 -22.85
CA GLN A 128 -16.58 3.00 -22.96
C GLN A 128 -15.17 3.48 -22.63
N ASP A 129 -14.82 4.70 -23.07
CA ASP A 129 -13.51 5.24 -22.78
C ASP A 129 -13.30 5.50 -21.29
N ARG A 130 -14.37 5.66 -20.52
CA ARG A 130 -14.23 5.78 -19.08
C ARG A 130 -14.28 4.42 -18.39
N ILE A 131 -14.93 3.43 -19.00
CA ILE A 131 -14.90 2.07 -18.45
C ILE A 131 -13.49 1.52 -18.47
N VAL A 132 -12.77 1.74 -19.57
CA VAL A 132 -11.38 1.32 -19.64
C VAL A 132 -10.52 2.14 -18.70
N ASP A 133 -10.89 3.41 -18.47
CA ASP A 133 -10.19 4.22 -17.47
C ASP A 133 -10.32 3.59 -16.09
N PHE A 134 -11.54 3.22 -15.70
CA PHE A 134 -11.75 2.59 -14.40
C PHE A 134 -10.98 1.27 -14.29
N LEU A 135 -10.83 0.55 -15.40
CA LEU A 135 -10.04 -0.68 -15.36
C LEU A 135 -8.56 -0.39 -15.16
N ARG A 136 -8.07 0.73 -15.71
CA ARG A 136 -6.70 1.15 -15.50
C ARG A 136 -6.46 1.75 -14.12
N LEU A 137 -7.52 1.99 -13.34
CA LEU A 137 -7.37 2.60 -12.03
C LEU A 137 -6.55 1.71 -11.11
N GLY A 138 -5.67 2.33 -10.33
CA GLY A 138 -4.86 1.61 -9.39
C GLY A 138 -5.66 1.09 -8.20
N ALA A 139 -4.94 0.43 -7.29
CA ALA A 139 -5.58 -0.17 -6.12
C ALA A 139 -6.34 0.87 -5.32
N ASN A 140 -5.66 1.95 -4.92
CA ASN A 140 -6.28 3.02 -4.17
C ASN A 140 -6.84 4.12 -5.05
N GLU A 141 -6.41 4.20 -6.31
CA GLU A 141 -6.83 5.28 -7.20
C GLU A 141 -8.34 5.31 -7.35
N ARG A 142 -8.91 6.51 -7.20
CA ARG A 142 -10.34 6.74 -7.33
C ARG A 142 -10.63 7.42 -8.66
N LEU A 143 -11.91 7.75 -8.88
CA LEU A 143 -12.33 8.41 -10.11
C LEU A 143 -13.48 9.35 -9.79
N HIS A 144 -13.34 10.60 -10.20
CA HIS A 144 -14.36 11.61 -9.93
C HIS A 144 -15.52 11.46 -10.89
N LEU A 145 -16.74 11.39 -10.35
CA LEU A 145 -17.93 11.21 -11.19
C LEU A 145 -18.09 12.33 -12.21
N ASP A 146 -17.70 13.56 -11.85
CA ASP A 146 -17.80 14.66 -12.79
C ASP A 146 -16.89 14.45 -14.00
N ASP A 147 -15.72 13.85 -13.78
CA ASP A 147 -14.84 13.52 -14.89
C ASP A 147 -15.50 12.51 -15.83
N VAL A 148 -16.15 11.49 -15.27
CA VAL A 148 -16.84 10.49 -16.08
C VAL A 148 -17.91 11.15 -16.94
N LEU A 149 -18.62 12.13 -16.38
CA LEU A 149 -19.72 12.76 -17.10
C LEU A 149 -19.27 13.82 -18.10
N SER A 150 -18.03 14.31 -17.96
CA SER A 150 -17.50 15.28 -18.90
C SER A 150 -17.44 14.68 -20.31
N GLY A 151 -18.23 15.23 -21.24
CA GLY A 151 -18.30 14.74 -22.60
C GLY A 151 -19.60 14.03 -22.93
N ILE A 152 -20.34 13.56 -21.92
CA ILE A 152 -21.59 12.85 -22.15
C ILE A 152 -22.70 13.87 -22.34
N LYS A 153 -23.23 13.94 -23.56
CA LYS A 153 -24.27 14.91 -23.91
C LYS A 153 -25.61 14.46 -23.34
N LEU A 154 -26.12 15.21 -22.37
CA LEU A 154 -27.36 14.83 -21.69
C LEU A 154 -28.57 14.84 -22.62
N SER A 155 -28.59 15.74 -23.61
CA SER A 155 -29.76 15.88 -24.46
C SER A 155 -30.10 14.59 -25.19
N LYS A 156 -29.10 13.79 -25.56
CA LYS A 156 -29.32 12.57 -26.32
C LYS A 156 -30.05 11.49 -25.53
N PHE A 157 -30.18 11.64 -24.21
CA PHE A 157 -30.92 10.69 -23.38
C PHE A 157 -32.39 11.09 -23.41
N LYS A 158 -33.11 10.58 -24.42
CA LYS A 158 -34.52 10.91 -24.56
C LYS A 158 -35.40 10.04 -23.67
N TRP A 159 -34.97 8.81 -23.38
CA TRP A 159 -35.67 8.00 -22.39
C TRP A 159 -35.54 8.60 -21.00
N LEU A 160 -34.45 9.34 -20.75
CA LEU A 160 -34.31 10.06 -19.51
C LEU A 160 -35.19 11.30 -19.48
N GLY A 161 -35.58 11.82 -20.65
CA GLY A 161 -36.56 12.88 -20.75
C GLY A 161 -37.97 12.34 -20.86
N VAL A 162 -38.91 13.27 -20.97
CA VAL A 162 -40.32 12.92 -21.14
C VAL A 162 -40.56 12.37 -22.54
N GLY A 163 -39.51 12.37 -23.36
CA GLY A 163 -39.60 11.96 -24.75
C GLY A 163 -39.34 13.06 -25.76
N ASN A 164 -39.25 14.32 -25.34
CA ASN A 164 -38.94 15.43 -26.22
C ASN A 164 -37.65 16.10 -25.75
N ASN A 165 -37.30 17.21 -26.40
CA ASN A 165 -36.08 17.92 -26.07
C ASN A 165 -36.24 18.69 -24.75
N ILE A 166 -35.11 19.18 -24.24
CA ILE A 166 -35.09 19.89 -22.97
C ILE A 166 -35.90 21.18 -23.11
N SER A 167 -36.94 21.33 -22.28
CA SER A 167 -37.90 22.42 -22.43
C SER A 167 -37.55 23.64 -21.59
N SER A 168 -37.11 23.44 -20.33
CA SER A 168 -36.94 24.55 -19.40
C SER A 168 -35.74 24.29 -18.50
N GLN A 169 -35.47 25.25 -17.62
CA GLN A 169 -34.35 25.13 -16.69
C GLN A 169 -34.59 24.00 -15.69
N GLN A 170 -35.77 23.98 -15.08
CA GLN A 170 -36.12 22.92 -14.14
C GLN A 170 -35.97 21.55 -14.78
N ASP A 171 -36.38 21.42 -16.04
CA ASP A 171 -36.21 20.16 -16.76
C ASP A 171 -34.74 19.79 -16.92
N PHE A 172 -33.85 20.78 -17.00
CA PHE A 172 -32.43 20.48 -17.14
C PHE A 172 -31.83 20.02 -15.81
N GLN A 173 -32.20 20.67 -14.72
CA GLN A 173 -31.65 20.31 -13.40
C GLN A 173 -31.95 18.86 -13.06
N ILE A 174 -33.20 18.43 -13.29
CA ILE A 174 -33.60 17.08 -12.90
C ILE A 174 -33.07 16.03 -13.88
N ARG A 175 -33.00 16.35 -15.18
CA ARG A 175 -32.42 15.40 -16.12
C ARG A 175 -30.95 15.15 -15.83
N LYS A 176 -30.21 16.19 -15.45
CA LYS A 176 -28.82 16.00 -15.05
C LYS A 176 -28.72 15.19 -13.76
N ARG A 177 -29.60 15.46 -12.80
CA ARG A 177 -29.63 14.69 -11.57
C ARG A 177 -29.92 13.22 -11.84
N LEU A 178 -30.84 12.95 -12.78
CA LEU A 178 -31.14 11.57 -13.14
C LEU A 178 -30.00 10.92 -13.90
N LEU A 179 -29.27 11.70 -14.71
CA LEU A 179 -28.14 11.14 -15.43
C LEU A 179 -27.03 10.71 -14.48
N GLU A 180 -26.72 11.55 -13.49
CA GLU A 180 -25.69 11.19 -12.51
C GLU A 180 -26.05 9.89 -11.80
N GLY A 181 -27.29 9.78 -11.33
CA GLY A 181 -27.72 8.55 -10.68
C GLY A 181 -27.59 7.34 -11.59
N TYR A 182 -27.97 7.48 -12.85
CA TYR A 182 -27.89 6.36 -13.79
C TYR A 182 -26.43 5.98 -14.07
N ILE A 183 -25.61 6.95 -14.49
CA ILE A 183 -24.24 6.67 -14.85
C ILE A 183 -23.47 6.13 -13.66
N ASN A 184 -23.71 6.68 -12.47
CA ASN A 184 -23.08 6.14 -11.26
C ASN A 184 -23.54 4.72 -10.99
N TRP A 185 -24.83 4.45 -11.21
CA TRP A 185 -25.33 3.09 -11.07
C TRP A 185 -24.72 2.16 -12.12
N VAL A 186 -24.40 2.68 -13.30
CA VAL A 186 -23.79 1.84 -14.34
C VAL A 186 -22.43 1.33 -13.88
N PHE A 187 -21.58 2.23 -13.38
CA PHE A 187 -20.25 1.82 -12.97
C PHE A 187 -20.28 1.00 -11.68
N ILE A 188 -20.99 1.50 -10.66
CA ILE A 188 -20.96 0.83 -9.37
C ILE A 188 -21.69 -0.51 -9.43
N SER A 189 -22.90 -0.53 -9.99
CA SER A 189 -23.73 -1.71 -9.93
C SER A 189 -23.48 -2.70 -11.06
N LEU A 190 -22.98 -2.25 -12.21
CA LEU A 190 -22.73 -3.15 -13.33
C LEU A 190 -21.25 -3.33 -13.63
N VAL A 191 -20.50 -2.24 -13.84
CA VAL A 191 -19.10 -2.36 -14.25
C VAL A 191 -18.30 -3.08 -13.17
N LYS A 192 -18.36 -2.58 -11.93
CA LYS A 192 -17.63 -3.23 -10.85
C LYS A 192 -18.11 -4.66 -10.64
N ASN A 193 -19.40 -4.92 -10.87
CA ASN A 193 -19.90 -6.28 -10.75
C ASN A 193 -19.40 -7.18 -11.88
N ILE A 194 -19.14 -6.60 -13.06
CA ILE A 194 -18.66 -7.42 -14.18
C ILE A 194 -17.25 -7.94 -13.90
N VAL A 195 -16.35 -7.04 -13.48
CA VAL A 195 -14.98 -7.45 -13.18
C VAL A 195 -14.96 -8.37 -11.97
N ARG A 196 -15.72 -8.04 -10.94
CA ARG A 196 -15.82 -8.89 -9.75
C ARG A 196 -16.27 -10.29 -10.10
N ALA A 197 -17.12 -10.42 -11.13
CA ALA A 197 -17.68 -11.72 -11.48
C ALA A 197 -16.64 -12.65 -12.09
N PHE A 198 -15.62 -12.11 -12.77
CA PHE A 198 -14.70 -12.94 -13.54
C PHE A 198 -13.27 -12.94 -13.01
N TRP A 199 -12.81 -11.88 -12.35
CA TRP A 199 -11.40 -11.74 -12.03
C TRP A 199 -11.21 -11.43 -10.55
N TYR A 200 -10.28 -12.15 -9.93
CA TYR A 200 -9.70 -11.75 -8.65
C TYR A 200 -8.57 -10.76 -8.94
N VAL A 201 -8.79 -9.49 -8.61
CA VAL A 201 -7.80 -8.45 -8.86
C VAL A 201 -6.96 -8.26 -7.61
N THR A 202 -5.64 -8.27 -7.78
CA THR A 202 -4.68 -8.18 -6.69
C THR A 202 -3.71 -7.02 -6.94
N GLU A 203 -2.85 -6.77 -5.95
CA GLU A 203 -2.07 -5.54 -5.90
C GLU A 203 -0.62 -5.70 -6.35
N SER A 204 -0.19 -6.88 -6.79
CA SER A 204 1.04 -7.03 -7.56
C SER A 204 2.26 -6.50 -6.80
N SER A 205 2.54 -7.14 -5.66
CA SER A 205 3.35 -6.57 -4.58
C SER A 205 4.62 -5.86 -5.05
N ASN A 206 5.12 -6.19 -6.23
CA ASN A 206 6.26 -5.45 -6.77
C ASN A 206 5.83 -4.02 -7.15
N ASP A 208 5.30 -0.07 -8.91
CA ASP A 208 4.23 0.52 -9.72
C ASP A 208 2.86 0.01 -9.29
N ARG A 209 2.50 0.32 -8.05
CA ARG A 209 1.27 -0.14 -7.43
C ARG A 209 0.01 0.28 -8.19
N SER A 210 0.12 1.23 -9.13
CA SER A 210 -1.03 1.57 -9.96
C SER A 210 -1.46 0.44 -10.87
N LYS A 211 -0.64 -0.60 -11.02
CA LYS A 211 -0.96 -1.75 -11.85
C LYS A 211 -1.72 -2.79 -11.03
N LEU A 212 -2.92 -3.13 -11.48
CA LEU A 212 -3.69 -4.23 -10.91
C LEU A 212 -3.71 -5.39 -11.90
N PHE A 213 -3.73 -6.61 -11.37
CA PHE A 213 -3.65 -7.81 -12.19
C PHE A 213 -4.92 -8.61 -12.05
N TYR A 214 -5.50 -8.99 -13.18
CA TYR A 214 -6.80 -9.65 -13.24
C TYR A 214 -6.56 -11.14 -13.41
N PHE A 215 -6.88 -11.91 -12.38
CA PHE A 215 -6.71 -13.36 -12.37
C PHE A 215 -8.06 -14.02 -12.49
N THR A 216 -8.22 -14.89 -13.49
CA THR A 216 -9.44 -15.67 -13.62
C THR A 216 -9.64 -16.52 -12.37
N HIS A 217 -10.88 -16.53 -11.87
CA HIS A 217 -11.20 -17.22 -10.62
C HIS A 217 -10.74 -18.68 -10.66
N SER A 218 -11.03 -19.38 -11.75
CA SER A 218 -10.55 -20.76 -11.89
C SER A 218 -9.03 -20.82 -11.80
N ILE A 219 -8.34 -19.90 -12.48
CA ILE A 219 -6.87 -19.86 -12.41
C ILE A 219 -6.42 -19.53 -10.99
N TRP A 220 -6.97 -18.47 -10.40
CA TRP A 220 -6.52 -18.02 -9.10
C TRP A 220 -6.79 -19.08 -8.02
N ASN A 221 -7.99 -19.66 -8.03
CA ASN A 221 -8.31 -20.68 -7.03
C ASN A 221 -7.36 -21.87 -7.12
N GLU A 222 -6.86 -22.17 -8.31
CA GLU A 222 -5.86 -23.23 -8.45
C GLU A 222 -4.48 -22.76 -7.99
N LEU A 223 -4.14 -21.50 -8.28
CA LEU A 223 -2.83 -20.99 -7.90
C LEU A 223 -2.70 -20.84 -6.39
N SER A 224 -3.70 -20.21 -5.75
CA SER A 224 -3.62 -19.98 -4.31
C SER A 224 -3.65 -21.29 -3.53
N SER A 225 -4.54 -22.21 -3.90
CA SER A 225 -4.68 -23.46 -3.17
C SER A 225 -3.38 -24.25 -3.16
N ASN A 226 -2.71 -24.35 -4.31
CA ASN A 226 -1.42 -25.04 -4.37
C ASN A 226 -0.40 -24.39 -3.45
N TRP A 227 -0.32 -23.06 -3.48
CA TRP A 227 0.67 -22.38 -2.65
C TRP A 227 0.28 -22.37 -1.18
N ILE A 228 -1.02 -22.33 -0.88
CA ILE A 228 -1.43 -22.26 0.52
C ILE A 228 -1.33 -23.61 1.21
N THR A 229 -1.43 -24.71 0.46
CA THR A 229 -1.29 -26.02 1.09
C THR A 229 0.17 -26.36 1.38
N LYS A 230 1.10 -25.78 0.60
CA LYS A 230 2.52 -25.91 0.95
C LYS A 230 2.86 -25.04 2.16
N TYR A 231 2.26 -23.84 2.24
CA TYR A 231 2.47 -22.97 3.38
C TYR A 231 1.83 -23.54 4.64
N ALA A 232 0.65 -24.15 4.50
CA ALA A 232 -0.08 -24.66 5.66
C ALA A 232 0.71 -25.76 6.37
N LYS A 233 1.39 -26.62 5.61
CA LYS A 233 2.12 -27.74 6.20
C LYS A 233 3.12 -27.25 7.25
N GLY A 234 3.91 -26.23 6.92
CA GLY A 234 4.95 -25.77 7.80
C GLY A 234 4.54 -24.71 8.80
N ASN A 235 3.54 -23.89 8.46
CA ASN A 235 3.23 -22.70 9.23
C ASN A 235 1.87 -22.69 9.92
N LEU A 236 0.90 -23.49 9.47
CA LEU A 236 -0.48 -23.33 9.93
C LEU A 236 -0.99 -24.58 10.65
N VAL A 237 -1.96 -24.37 11.53
CA VAL A 237 -2.61 -25.43 12.30
C VAL A 237 -4.12 -25.26 12.20
N GLN A 238 -4.83 -26.37 11.96
CA GLN A 238 -6.29 -26.34 12.01
C GLN A 238 -6.74 -26.19 13.46
N VAL A 239 -7.39 -25.07 13.77
CA VAL A 239 -7.78 -24.74 15.14
C VAL A 239 -9.30 -24.72 15.25
N VAL A 240 -9.77 -24.91 16.49
CA VAL A 240 -11.19 -24.92 16.81
C VAL A 240 -11.74 -23.49 16.80
N SER A 241 -13.06 -23.37 16.77
CA SER A 241 -13.72 -22.06 16.78
C SER A 241 -13.37 -21.26 18.03
N GLN A 247 -12.46 -10.46 15.41
CA GLN A 247 -12.16 -10.00 16.76
C GLN A 247 -10.99 -9.04 16.78
N PHE A 248 -10.02 -9.29 17.66
CA PHE A 248 -8.82 -8.46 17.77
C PHE A 248 -7.55 -9.26 17.57
N THR A 249 -7.65 -10.57 17.31
CA THR A 249 -6.50 -11.40 16.98
C THR A 249 -6.77 -12.25 15.74
N ASN A 250 -7.78 -11.87 14.96
CA ASN A 250 -8.20 -12.61 13.78
C ASN A 250 -8.04 -11.72 12.55
N GLY A 251 -7.55 -12.33 11.45
CA GLY A 251 -7.43 -11.63 10.20
C GLY A 251 -7.75 -12.55 9.03
N LYS A 252 -7.90 -11.94 7.87
CA LYS A 252 -8.17 -12.66 6.64
C LYS A 252 -6.90 -12.73 5.81
N ILE A 253 -6.52 -13.94 5.41
CA ILE A 253 -5.28 -14.12 4.66
C ILE A 253 -5.42 -13.50 3.27
N LYS A 254 -4.30 -12.97 2.77
CA LYS A 254 -4.28 -12.35 1.44
C LYS A 254 -2.88 -12.54 0.87
N LEU A 255 -2.73 -13.54 0.01
CA LEU A 255 -1.46 -13.80 -0.65
C LEU A 255 -1.39 -13.00 -1.94
N ILE A 256 -0.34 -12.19 -2.08
CA ILE A 256 -0.18 -11.29 -3.23
C ILE A 256 0.99 -11.80 -4.08
N PRO A 257 0.93 -11.62 -5.40
CA PRO A 257 1.95 -12.23 -6.26
C PRO A 257 3.36 -11.72 -5.97
N LYS A 258 4.33 -12.51 -6.43
CA LYS A 258 5.74 -12.20 -6.30
C LYS A 258 6.45 -12.79 -7.51
N ARG A 259 7.77 -12.88 -7.46
CA ARG A 259 8.55 -13.46 -8.55
C ARG A 259 8.41 -14.97 -8.47
N GLY A 260 7.32 -15.47 -9.06
CA GLY A 260 7.02 -16.88 -9.02
C GLY A 260 6.53 -17.40 -7.69
N GLY A 261 6.23 -16.50 -6.74
CA GLY A 261 5.73 -16.90 -5.44
C GLY A 261 4.66 -15.95 -4.93
N PHE A 262 4.26 -16.11 -3.67
CA PHE A 262 3.28 -15.24 -3.05
C PHE A 262 3.77 -14.76 -1.70
N ARG A 263 3.50 -13.49 -1.40
CA ARG A 263 3.81 -12.90 -0.10
C ARG A 263 2.55 -12.95 0.75
N VAL A 264 2.53 -13.86 1.72
CA VAL A 264 1.32 -14.13 2.50
C VAL A 264 1.16 -12.99 3.51
N ILE A 265 0.24 -12.08 3.22
CA ILE A 265 -0.16 -11.02 4.14
C ILE A 265 -1.45 -11.45 4.82
N CYS A 266 -1.60 -11.09 6.10
CA CYS A 266 -2.83 -11.35 6.84
C CYS A 266 -3.33 -10.01 7.38
N VAL A 267 -4.30 -9.43 6.68
CA VAL A 267 -4.90 -8.17 7.10
C VAL A 267 -5.86 -8.44 8.25
N PRO A 268 -5.68 -7.80 9.41
CA PRO A 268 -6.54 -8.10 10.56
C PRO A 268 -8.01 -7.85 10.26
N LEU A 269 -8.87 -8.55 10.99
CA LEU A 269 -10.31 -8.46 10.81
C LEU A 269 -10.95 -7.90 12.07
N LYS A 270 -11.90 -6.99 11.88
CA LYS A 270 -12.57 -6.32 12.98
C LYS A 270 -13.74 -7.11 13.53
N GLN A 271 -14.54 -7.73 12.65
CA GLN A 271 -15.69 -8.50 13.09
C GLN A 271 -15.26 -9.72 13.89
N SER A 272 -16.14 -10.17 14.78
CA SER A 272 -15.85 -11.31 15.63
C SER A 272 -15.89 -12.61 14.82
N LEU A 273 -15.67 -13.72 15.53
CA LEU A 273 -15.60 -15.02 14.87
C LEU A 273 -16.88 -15.36 14.12
N TYR A 274 -18.04 -15.05 14.71
CA TYR A 274 -19.32 -15.41 14.12
C TYR A 274 -20.08 -14.23 13.53
N SER A 275 -19.74 -12.99 13.88
CA SER A 275 -20.35 -11.84 13.23
C SER A 275 -19.88 -11.70 11.78
N PHE A 276 -18.75 -12.33 11.43
CA PHE A 276 -18.31 -12.35 10.05
C PHE A 276 -19.16 -13.30 9.21
N ASN A 277 -19.42 -14.50 9.75
CA ASN A 277 -20.27 -15.46 9.06
C ASN A 277 -21.67 -14.90 8.85
N ASN A 278 -22.38 -14.60 9.95
CA ASN A 278 -23.75 -14.12 9.89
C ASN A 278 -23.76 -12.59 9.79
N LYS A 279 -23.39 -12.10 8.62
CA LYS A 279 -23.32 -10.67 8.36
C LYS A 279 -24.68 -10.00 8.26
N ARG A 280 -25.78 -10.74 8.42
CA ARG A 280 -27.11 -10.15 8.28
C ARG A 280 -27.61 -9.58 9.60
N ASN A 281 -26.80 -8.73 10.22
CA ASN A 281 -27.22 -7.96 11.39
C ASN A 281 -26.38 -6.69 11.40
N PHE A 282 -26.96 -5.58 10.94
CA PHE A 282 -26.26 -4.30 11.04
C PHE A 282 -26.63 -3.58 12.35
N ALA A 283 -26.54 -4.32 13.45
CA ALA A 283 -26.51 -3.81 14.81
C ALA A 283 -25.30 -4.31 15.58
N LEU A 284 -24.88 -5.56 15.34
CA LEU A 284 -23.75 -6.14 16.06
C LEU A 284 -22.43 -5.73 15.42
N LYS A 285 -22.36 -5.75 14.08
CA LYS A 285 -21.12 -5.41 13.40
C LYS A 285 -20.75 -3.95 13.58
N GLN A 286 -21.74 -3.08 13.73
CA GLN A 286 -21.47 -1.68 14.06
C GLN A 286 -20.88 -1.56 15.46
N LYS A 287 -21.41 -2.34 16.41
CA LYS A 287 -20.89 -2.30 17.78
C LYS A 287 -19.51 -2.94 17.90
N GLU A 288 -19.09 -3.74 16.92
CA GLU A 288 -17.79 -4.40 16.97
C GLU A 288 -16.74 -3.72 16.11
N LYS A 289 -17.13 -3.14 14.98
CA LYS A 289 -16.18 -2.39 14.17
C LYS A 289 -15.73 -1.11 14.86
N TRP A 290 -16.55 -0.58 15.77
CA TRP A 290 -16.15 0.56 16.59
C TRP A 290 -15.41 0.13 17.86
N ASP A 291 -15.41 -1.16 18.18
CA ASP A 291 -14.51 -1.65 19.22
C ASP A 291 -13.07 -1.67 18.72
N TYR A 292 -12.87 -2.01 17.45
CA TYR A 292 -11.52 -2.14 16.91
C TYR A 292 -10.83 -0.78 16.84
N ILE A 293 -11.54 0.26 16.41
CA ILE A 293 -10.93 1.60 16.33
C ILE A 293 -10.52 2.09 17.72
N PHE A 294 -11.30 1.75 18.74
CA PHE A 294 -10.91 2.08 20.10
C PHE A 294 -9.76 1.20 20.59
N TYR A 295 -9.75 -0.06 20.17
CA TYR A 295 -8.68 -0.97 20.57
C TYR A 295 -7.32 -0.52 20.06
N GLN A 296 -7.27 0.12 18.89
CA GLN A 296 -6.00 0.54 18.33
C GLN A 296 -5.49 1.83 18.98
N LYS A 297 -6.31 2.87 18.99
CA LYS A 297 -5.84 4.21 19.38
C LYS A 297 -5.34 4.23 20.82
N TYR A 298 -6.02 3.53 21.72
CA TYR A 298 -5.73 3.66 23.15
C TYR A 298 -5.13 2.41 23.78
N THR A 299 -5.12 1.28 23.09
CA THR A 299 -4.50 0.09 23.67
C THR A 299 -3.44 -0.53 22.78
N LEU A 300 -3.62 -0.49 21.45
CA LEU A 300 -2.67 -1.11 20.53
C LEU A 300 -1.59 -0.16 20.04
N SER A 301 -1.92 1.12 19.86
CA SER A 301 -0.91 2.09 19.51
C SER A 301 0.03 2.39 20.68
N PRO A 302 -0.47 2.56 21.93
CA PRO A 302 0.46 2.84 23.03
C PRO A 302 1.52 1.77 23.25
N VAL A 303 1.17 0.49 23.14
CA VAL A 303 2.17 -0.56 23.32
C VAL A 303 3.23 -0.47 22.24
N ARG A 304 2.82 -0.20 21.00
CA ARG A 304 3.78 -0.04 19.91
C ARG A 304 4.66 1.17 20.14
N GLN A 305 4.07 2.29 20.58
CA GLN A 305 4.85 3.52 20.79
C GLN A 305 5.91 3.32 21.85
N VAL A 306 5.57 2.63 22.95
CA VAL A 306 6.52 2.47 24.05
C VAL A 306 7.66 1.54 23.66
N LEU A 307 7.36 0.48 22.88
CA LEU A 307 8.39 -0.44 22.44
C LEU A 307 9.47 0.28 21.65
N GLN A 308 9.07 1.04 20.62
CA GLN A 308 10.06 1.76 19.81
C GLN A 308 10.77 2.84 20.62
N LEU A 309 10.04 3.59 21.44
CA LEU A 309 10.64 4.69 22.19
C LEU A 309 11.78 4.23 23.09
N LYS A 310 11.75 2.97 23.54
CA LYS A 310 12.85 2.46 24.34
C LYS A 310 13.90 1.76 23.49
N LEU A 311 13.51 1.20 22.34
CA LEU A 311 14.49 0.61 21.43
C LEU A 311 15.39 1.67 20.81
N ASN A 312 14.95 2.92 20.75
CA ASN A 312 15.82 4.00 20.30
C ASN A 312 16.90 4.30 21.34
N ALA A 313 16.59 4.15 22.62
CA ALA A 313 17.61 4.26 23.65
C ALA A 313 18.41 2.97 23.79
N LEU A 314 17.81 1.83 23.45
CA LEU A 314 18.57 0.58 23.41
C LEU A 314 19.53 0.56 22.23
N ARG A 315 19.14 1.16 21.10
CA ARG A 315 20.01 1.15 19.92
C ARG A 315 21.22 2.05 20.12
N LYS A 316 21.04 3.18 20.81
CA LYS A 316 22.15 4.09 21.06
C LYS A 316 23.06 3.58 22.18
N SER A 317 22.50 3.39 23.37
CA SER A 317 23.30 3.00 24.53
C SER A 317 23.97 1.66 24.32
N ASP A 318 23.19 0.60 24.13
CA ASP A 318 23.74 -0.74 24.07
C ASP A 318 24.51 -0.95 22.78
N GLY A 320 25.13 -3.84 21.41
CA GLY A 320 24.53 -4.91 20.62
C GLY A 320 23.49 -4.41 19.65
N HIS A 321 22.63 -3.50 20.09
CA HIS A 321 21.60 -2.92 19.23
C HIS A 321 22.14 -1.82 18.33
N ARG A 322 23.40 -1.39 18.53
CA ARG A 322 24.01 -0.41 17.65
C ARG A 322 24.06 -0.92 16.22
N SER A 323 24.30 -2.22 16.03
CA SER A 323 24.34 -2.80 14.69
C SER A 323 22.97 -2.77 14.01
N SER A 324 21.89 -2.57 14.77
CA SER A 324 20.56 -2.49 14.17
C SER A 324 20.34 -1.12 13.55
N VAL A 325 19.86 -1.11 12.31
CA VAL A 325 19.62 0.12 11.57
C VAL A 325 18.12 0.34 11.45
N ASN A 326 17.76 1.60 11.17
CA ASN A 326 16.36 2.00 11.00
C ASN A 326 15.98 2.29 9.56
N SER A 327 16.90 2.80 8.75
CA SER A 327 16.57 3.23 7.39
C SER A 327 17.67 2.81 6.43
N THR A 328 17.31 2.83 5.13
CA THR A 328 18.24 2.40 4.10
C THR A 328 19.41 3.36 3.94
N ASN A 329 19.21 4.65 4.20
CA ASN A 329 20.27 5.62 4.03
C ASN A 329 21.27 5.61 5.19
N GLU A 330 20.82 5.24 6.38
CA GLU A 330 21.72 5.20 7.54
C GLU A 330 22.78 4.12 7.39
N VAL A 331 22.55 3.12 6.53
CA VAL A 331 23.58 2.13 6.26
C VAL A 331 24.71 2.75 5.44
N ALA A 332 24.36 3.61 4.49
CA ALA A 332 25.38 4.27 3.68
C ALA A 332 26.24 5.19 4.53
N ASP A 333 25.63 5.95 5.44
CA ASP A 333 26.40 6.86 6.29
C ASP A 333 27.37 6.10 7.18
N ARG A 334 26.91 5.01 7.80
CA ARG A 334 27.75 4.28 8.74
C ARG A 334 28.99 3.70 8.07
N ILE A 335 28.86 3.19 6.84
CA ILE A 335 30.04 2.69 6.15
C ILE A 335 30.90 3.86 5.70
N LEU A 336 30.30 5.00 5.38
CA LEU A 336 31.08 6.18 5.03
C LEU A 336 31.76 6.79 6.25
N THR A 337 31.17 6.62 7.43
CA THR A 337 31.88 7.01 8.64
C THR A 337 32.93 5.98 9.02
N PHE A 338 32.63 4.70 8.80
CA PHE A 338 33.64 3.65 8.98
C PHE A 338 34.78 3.83 7.98
N ARG A 339 34.46 4.28 6.76
CA ARG A 339 35.49 4.62 5.78
C ARG A 339 36.42 5.71 6.32
N ASN A 340 35.83 6.77 6.88
CA ASN A 340 36.62 7.86 7.42
C ASN A 340 37.17 7.57 8.81
N ASP A 341 36.66 6.56 9.49
CA ASP A 341 37.16 6.21 10.82
C ASP A 341 38.50 5.47 10.75
N LEU A 342 38.69 4.65 9.72
CA LEU A 342 39.96 3.94 9.55
C LEU A 342 41.05 4.82 8.97
N LEU A 343 40.69 5.89 8.27
CA LEU A 343 41.65 6.83 7.71
C LEU A 343 42.23 7.78 8.76
N LYS A 344 41.94 7.55 10.04
CA LYS A 344 42.51 8.42 11.09
C LYS A 344 44.00 8.17 11.25
N LYS A 345 44.41 6.90 11.31
CA LYS A 345 45.81 6.55 11.50
C LYS A 345 46.44 5.91 10.27
N ASN A 346 45.70 5.05 9.55
CA ASN A 346 46.26 4.41 8.36
C ASN A 346 46.41 5.41 7.22
N LYS A 347 45.31 6.02 6.80
CA LYS A 347 45.20 6.98 5.71
C LYS A 347 45.39 6.32 4.34
N THR A 348 45.69 5.03 4.31
CA THR A 348 45.73 4.22 3.09
C THR A 348 44.97 2.94 3.42
N LEU A 349 43.66 2.95 3.17
CA LEU A 349 42.73 1.89 3.53
C LEU A 349 43.31 0.51 3.25
N PRO A 350 43.28 -0.41 4.22
CA PRO A 350 43.78 -1.76 3.97
C PRO A 350 42.81 -2.57 3.13
N VAL A 351 43.25 -3.76 2.74
CA VAL A 351 42.40 -4.67 1.98
C VAL A 351 41.19 -5.04 2.84
N LEU A 352 40.00 -4.77 2.33
CA LEU A 352 38.77 -5.02 3.05
C LEU A 352 38.10 -6.30 2.57
N TYR A 353 37.41 -6.96 3.49
CA TYR A 353 36.65 -8.18 3.20
C TYR A 353 35.20 -7.94 3.60
N ILE A 355 30.82 -9.36 3.29
CA ILE A 355 29.83 -10.40 3.03
C ILE A 355 28.44 -9.81 3.19
N LYS A 356 27.47 -10.41 2.48
CA LYS A 356 26.07 -10.06 2.59
C LYS A 356 25.24 -11.33 2.72
N PHE A 357 24.20 -11.28 3.56
CA PHE A 357 23.30 -12.40 3.70
C PHE A 357 21.97 -11.90 4.25
N ASP A 358 20.92 -12.70 4.04
CA ASP A 358 19.58 -12.34 4.48
C ASP A 358 18.89 -13.57 5.05
N LYS A 360 15.53 -16.04 5.47
CA LYS A 360 14.34 -16.49 4.76
C LYS A 360 13.11 -16.35 5.64
N GLU A 361 12.05 -15.75 5.08
CA GLU A 361 10.76 -15.61 5.75
C GLU A 361 10.92 -15.15 7.20
N CYS A 362 11.61 -14.02 7.35
CA CYS A 362 11.96 -13.53 8.69
C CYS A 362 10.75 -13.47 9.61
N TYR A 363 9.62 -12.97 9.11
CA TYR A 363 8.40 -12.94 9.91
C TYR A 363 7.81 -14.33 10.08
N ASP A 364 7.79 -15.12 9.00
CA ASP A 364 7.15 -16.44 9.05
C ASP A 364 7.98 -17.47 9.81
N ARG A 365 9.24 -17.19 10.11
CA ARG A 365 10.10 -18.14 10.83
C ARG A 365 10.39 -17.70 12.25
N LEU A 366 9.90 -16.53 12.66
CA LEU A 366 10.22 -15.96 13.96
C LEU A 366 9.89 -16.92 15.09
N ASN A 367 10.91 -17.30 15.86
CA ASN A 367 10.73 -18.22 16.98
C ASN A 367 9.89 -17.52 18.06
N GLN A 368 8.65 -17.99 18.23
CA GLN A 368 7.73 -17.33 19.16
C GLN A 368 8.24 -17.42 20.60
N ASN A 369 8.86 -18.54 20.98
CA ASN A 369 9.38 -18.68 22.34
C ASN A 369 10.53 -17.71 22.59
N ALA A 370 11.41 -17.53 21.59
CA ALA A 370 12.48 -16.55 21.73
C ALA A 370 11.96 -15.13 21.71
N LEU A 371 10.87 -14.89 20.97
CA LEU A 371 10.27 -13.56 20.93
C LEU A 371 9.81 -13.12 22.31
N LYS A 372 9.04 -13.98 22.99
CA LYS A 372 8.55 -13.65 24.33
C LYS A 372 9.70 -13.37 25.28
N GLU A 373 10.80 -14.11 25.15
CA GLU A 373 11.99 -13.82 25.95
C GLU A 373 12.62 -12.50 25.53
N SER A 374 12.59 -12.19 24.23
CA SER A 374 13.21 -10.97 23.74
C SER A 374 12.53 -9.72 24.29
N ILE A 375 11.19 -9.67 24.21
CA ILE A 375 10.47 -8.52 24.74
C ILE A 375 10.66 -8.41 26.24
N ALA A 376 10.68 -9.54 26.95
CA ALA A 376 11.01 -9.52 28.37
C ALA A 376 12.41 -8.99 28.63
N GLY A 377 13.31 -9.09 27.66
CA GLY A 377 14.68 -8.64 27.87
C GLY A 377 14.80 -7.13 28.01
N ILE A 378 13.98 -6.38 27.28
CA ILE A 378 14.03 -4.93 27.36
C ILE A 378 13.24 -4.38 28.54
N PHE A 379 12.42 -5.21 29.17
CA PHE A 379 11.72 -4.85 30.40
C PHE A 379 12.33 -5.53 31.62
N LYS A 380 13.35 -6.38 31.42
CA LYS A 380 14.01 -7.05 32.54
C LYS A 380 14.60 -6.05 33.52
N GLU A 381 15.25 -5.00 33.00
CA GLU A 381 15.90 -4.02 33.89
C GLU A 381 14.88 -3.27 34.74
N ASP A 382 13.72 -2.96 34.18
CA ASP A 382 12.71 -2.18 34.88
C ASP A 382 12.01 -3.04 35.93
N ASN A 383 11.03 -2.44 36.59
CA ASN A 383 10.18 -3.15 37.54
C ASN A 383 9.04 -3.80 36.76
N GLU A 384 8.05 -4.32 37.46
CA GLU A 384 6.91 -4.98 36.81
C GLU A 384 5.61 -4.20 36.94
N ASN A 385 5.35 -3.60 38.10
CA ASN A 385 4.16 -2.77 38.29
C ASN A 385 4.47 -1.30 38.00
N THR A 386 4.87 -1.05 36.75
CA THR A 386 5.23 0.28 36.30
C THR A 386 4.33 0.69 35.14
N THR A 387 4.21 2.00 34.93
CA THR A 387 3.30 2.54 33.92
C THR A 387 4.07 3.53 33.04
N TYR A 388 4.14 3.25 31.75
CA TYR A 388 4.77 4.13 30.79
C TYR A 388 3.76 5.12 30.22
N HIS A 389 4.26 6.29 29.82
CA HIS A 389 3.42 7.36 29.29
C HIS A 389 3.82 7.70 27.87
N VAL A 390 2.83 8.07 27.06
CA VAL A 390 3.04 8.43 25.66
C VAL A 390 1.95 9.44 25.26
N ARG A 391 2.25 10.24 24.26
CA ARG A 391 1.37 11.33 23.86
C ARG A 391 0.34 10.87 22.84
N GLU A 392 -0.81 11.56 22.84
CA GLU A 392 -1.85 11.30 21.86
C GLU A 392 -1.56 12.06 20.58
N TYR A 393 -1.94 11.45 19.45
CA TYR A 393 -1.74 12.06 18.14
C TYR A 393 -3.05 12.41 17.44
N GLY A 394 -3.97 11.46 17.31
CA GLY A 394 -5.25 11.72 16.69
C GLY A 394 -5.19 11.71 15.17
N THR A 395 -6.37 11.64 14.56
CA THR A 395 -6.49 11.62 13.11
C THR A 395 -6.39 13.04 12.54
N LEU A 396 -6.28 13.11 11.22
CA LEU A 396 -6.30 14.42 10.56
C LEU A 396 -7.69 15.05 10.63
N ASP A 397 -8.74 14.23 10.70
CA ASP A 397 -10.06 14.78 10.97
C ASP A 397 -10.12 15.40 12.37
N GLU A 398 -9.39 14.83 13.33
CA GLU A 398 -9.26 15.44 14.65
C GLU A 398 -8.18 16.51 14.63
N PHE A 399 -8.26 17.45 13.69
CA PHE A 399 -7.45 18.66 13.69
C PHE A 399 -8.32 19.85 13.32
N LEU A 400 -9.52 19.91 13.89
CA LEU A 400 -10.52 20.90 13.53
C LEU A 400 -10.36 22.21 14.29
N LYS A 401 -9.18 22.46 14.86
CA LYS A 401 -8.90 23.79 15.41
C LYS A 401 -9.12 24.87 14.36
N LEU A 402 -8.47 24.72 13.21
CA LEU A 402 -8.73 25.54 12.03
C LEU A 402 -8.60 24.65 10.81
N LYS A 403 -9.55 24.76 9.88
CA LYS A 403 -9.56 23.90 8.72
C LYS A 403 -8.46 24.28 7.74
N ARG A 404 -8.21 23.39 6.77
CA ARG A 404 -7.20 23.59 5.74
C ARG A 404 -5.81 23.80 6.35
N VAL A 405 -5.36 22.76 7.06
CA VAL A 405 -4.04 22.77 7.68
C VAL A 405 -2.98 23.11 6.65
N ARG A 406 -2.01 23.93 7.07
CA ARG A 406 -1.00 24.47 6.16
C ARG A 406 0.31 23.70 6.21
N LYS A 441 -0.30 17.07 25.84
CA LYS A 441 -1.25 15.96 25.88
C LYS A 441 -0.52 14.65 26.17
N THR A 442 -1.19 13.74 26.86
CA THR A 442 -0.56 12.49 27.29
C THR A 442 -1.57 11.35 27.24
N LEU A 443 -1.06 10.15 27.51
CA LEU A 443 -1.75 8.87 27.57
C LEU A 443 -0.80 7.90 28.23
N SER A 444 -1.35 6.90 28.93
CA SER A 444 -0.48 6.00 29.67
C SER A 444 -1.06 4.59 29.69
N ILE A 445 -0.17 3.61 29.78
CA ILE A 445 -0.55 2.21 29.87
C ILE A 445 0.55 1.48 30.64
N SER A 446 0.13 0.60 31.55
CA SER A 446 1.08 -0.09 32.41
C SER A 446 1.82 -1.18 31.65
N LYS A 447 3.15 -1.24 31.85
CA LYS A 447 3.95 -2.28 31.24
C LYS A 447 3.56 -3.68 31.71
N ASN A 448 2.91 -3.78 32.87
CA ASN A 448 2.38 -5.07 33.33
C ASN A 448 1.28 -5.59 32.40
N LYS A 449 0.68 -4.71 31.60
CA LYS A 449 -0.33 -5.09 30.63
C LYS A 449 0.19 -5.14 29.21
N ILE A 450 1.20 -4.34 28.89
CA ILE A 450 1.77 -4.33 27.54
C ILE A 450 2.41 -5.68 27.22
N ILE A 451 3.01 -6.33 28.22
CA ILE A 451 3.58 -7.65 27.99
C ILE A 451 2.45 -8.67 27.81
N GLU A 452 1.29 -8.41 28.40
CA GLU A 452 0.14 -9.30 28.22
C GLU A 452 -0.39 -9.23 26.79
N VAL A 453 -0.50 -8.03 26.22
CA VAL A 453 -1.08 -7.89 24.89
C VAL A 453 -0.10 -8.37 23.82
N CYS A 454 1.20 -8.34 24.10
CA CYS A 454 2.18 -8.89 23.17
C CYS A 454 1.99 -10.40 23.02
N HIS A 455 1.93 -11.11 24.15
CA HIS A 455 1.74 -12.56 24.12
C HIS A 455 0.42 -12.92 23.46
N SER A 456 -0.63 -12.13 23.69
CA SER A 456 -1.93 -12.44 23.10
C SER A 456 -1.90 -12.28 21.58
N GLN A 457 -0.99 -11.47 21.04
CA GLN A 457 -0.87 -11.34 19.60
C GLN A 457 0.01 -12.43 19.00
N ILE A 458 0.98 -12.93 19.77
CA ILE A 458 1.83 -14.02 19.30
C ILE A 458 1.08 -15.34 19.32
N GLU A 459 0.31 -15.58 20.38
CA GLU A 459 -0.34 -16.87 20.58
C GLU A 459 -1.64 -16.98 19.80
N ASP A 460 -2.51 -15.98 19.91
CA ASP A 460 -3.88 -16.08 19.44
C ASP A 460 -4.06 -15.63 17.99
N ALA A 461 -3.01 -15.14 17.33
CA ALA A 461 -3.13 -14.74 15.94
C ALA A 461 -3.57 -15.91 15.07
N THR A 462 -4.66 -15.73 14.34
CA THR A 462 -5.20 -16.80 13.50
C THR A 462 -5.82 -16.20 12.24
N CYS A 463 -5.53 -16.80 11.10
CA CYS A 463 -6.02 -16.34 9.81
C CYS A 463 -7.20 -17.19 9.34
N LEU A 464 -7.85 -16.71 8.28
CA LEU A 464 -9.00 -17.39 7.68
C LEU A 464 -8.71 -17.64 6.21
N VAL A 465 -8.42 -18.89 5.87
CA VAL A 465 -8.21 -19.31 4.48
C VAL A 465 -9.50 -19.94 3.97
N LYS A 466 -9.82 -19.68 2.71
CA LYS A 466 -11.06 -20.18 2.13
C LYS A 466 -10.89 -21.64 1.72
N ASN A 467 -11.76 -22.50 2.24
CA ASN A 467 -11.74 -23.92 1.90
C ASN A 467 -12.22 -24.12 0.47
N LYS A 468 -11.92 -25.31 -0.07
CA LYS A 468 -12.42 -25.69 -1.38
C LYS A 468 -13.94 -25.58 -1.45
N GLU A 469 -14.62 -25.90 -0.35
CA GLU A 469 -16.07 -25.75 -0.28
C GLU A 469 -16.49 -24.31 -0.55
N GLY A 470 -15.69 -23.34 -0.11
CA GLY A 470 -16.03 -21.93 -0.24
C GLY A 470 -16.26 -21.23 1.08
N GLN A 471 -16.20 -21.93 2.21
CA GLN A 471 -16.36 -21.35 3.53
C GLN A 471 -15.02 -21.37 4.25
N TYR A 472 -14.61 -20.21 4.76
CA TYR A 472 -13.28 -20.05 5.34
C TYR A 472 -13.10 -20.97 6.55
N ASP A 473 -11.84 -21.31 6.81
CA ASP A 473 -11.45 -22.12 7.95
C ASP A 473 -10.45 -21.33 8.81
N LEU A 474 -10.36 -21.71 10.09
CA LEU A 474 -9.47 -21.03 11.02
C LEU A 474 -8.13 -21.74 11.10
N PHE A 475 -7.05 -20.96 11.09
CA PHE A 475 -5.69 -21.50 11.13
C PHE A 475 -4.85 -20.63 12.06
N LYS A 476 -4.23 -21.26 13.05
CA LYS A 476 -3.21 -20.59 13.85
C LYS A 476 -1.83 -20.91 13.29
N ARG A 477 -0.79 -20.39 13.93
CA ARG A 477 0.57 -20.48 13.41
C ARG A 477 1.39 -21.48 14.22
N LYS A 478 2.10 -22.36 13.51
CA LYS A 478 3.15 -23.15 14.15
C LYS A 478 4.32 -22.26 14.55
N GLN A 479 4.91 -21.59 13.57
CA GLN A 479 6.06 -20.71 13.77
C GLN A 479 5.74 -19.32 13.25
N GLY A 480 6.57 -18.36 13.64
CA GLY A 480 6.47 -17.01 13.15
C GLY A 480 5.20 -16.27 13.55
N VAL A 481 4.99 -15.14 12.87
CA VAL A 481 3.86 -14.27 13.11
C VAL A 481 3.41 -13.68 11.77
N PHE A 482 2.10 -13.47 11.64
CA PHE A 482 1.53 -13.02 10.38
C PHE A 482 2.12 -11.67 9.96
N GLN A 483 2.38 -11.53 8.67
CA GLN A 483 2.72 -10.23 8.09
C GLN A 483 1.45 -9.43 7.90
N GLY A 484 1.33 -8.32 8.62
CA GLY A 484 0.15 -7.49 8.53
C GLY A 484 -0.38 -7.06 9.88
N PHE A 485 -0.20 -7.90 10.89
CA PHE A 485 -0.54 -7.51 12.25
C PHE A 485 0.39 -6.40 12.73
N SER A 486 -0.20 -5.39 13.38
CA SER A 486 0.54 -4.19 13.73
C SER A 486 1.80 -4.50 14.50
N LEU A 487 1.69 -5.28 15.58
CA LEU A 487 2.84 -5.55 16.43
C LEU A 487 3.88 -6.43 15.76
N SER A 488 3.50 -7.21 14.76
CA SER A 488 4.45 -8.13 14.12
C SER A 488 5.62 -7.39 13.47
N GLY A 489 5.42 -6.13 13.09
CA GLY A 489 6.48 -5.33 12.54
C GLY A 489 7.65 -5.15 13.49
N ILE A 490 7.38 -4.51 14.64
CA ILE A 490 8.42 -4.29 15.63
C ILE A 490 8.85 -5.60 16.30
N PHE A 491 8.00 -6.62 16.28
CA PHE A 491 8.35 -7.90 16.90
C PHE A 491 9.63 -8.47 16.28
N CYS A 492 9.77 -8.36 14.97
CA CYS A 492 10.99 -8.85 14.33
C CYS A 492 12.15 -7.90 14.58
N ASP A 493 11.89 -6.59 14.56
CA ASP A 493 12.95 -5.61 14.75
C ASP A 493 13.60 -5.74 16.12
N ILE A 494 12.81 -6.02 17.16
CA ILE A 494 13.38 -6.16 18.49
C ILE A 494 14.09 -7.50 18.65
N LEU A 495 13.57 -8.56 18.02
CA LEU A 495 14.18 -9.88 18.16
C LEU A 495 15.57 -9.91 17.56
N TYR A 496 15.70 -9.48 16.31
CA TYR A 496 16.99 -9.52 15.64
C TYR A 496 18.00 -8.59 16.29
N SER A 497 17.55 -7.46 16.84
CA SER A 497 18.45 -6.61 17.60
C SER A 497 18.96 -7.34 18.84
N THR A 498 18.08 -8.04 19.54
CA THR A 498 18.52 -8.91 20.64
C THR A 498 19.41 -10.03 20.12
N VAL A 500 21.38 -10.09 17.38
CA VAL A 500 22.71 -9.54 17.09
C VAL A 500 23.50 -9.35 18.38
N SER A 501 22.85 -8.78 19.40
CA SER A 501 23.53 -8.53 20.67
C SER A 501 24.03 -9.82 21.30
N LYS A 502 23.18 -10.84 21.38
CA LYS A 502 23.51 -12.07 22.09
C LYS A 502 24.41 -13.02 21.31
N GLU A 503 24.64 -12.77 20.02
CA GLU A 503 25.43 -13.68 19.20
C GLU A 503 26.73 -13.07 18.70
N PHE A 504 26.67 -11.90 18.08
CA PHE A 504 27.86 -11.29 17.48
C PHE A 504 28.65 -10.48 18.50
N LYS A 505 29.01 -11.11 19.62
CA LYS A 505 29.77 -10.43 20.66
C LYS A 505 31.25 -10.30 20.30
N PHE A 506 31.79 -11.27 19.54
CA PHE A 506 33.19 -11.22 19.15
C PHE A 506 33.49 -9.99 18.31
N LEU A 507 32.56 -9.58 17.45
CA LEU A 507 32.80 -8.56 16.45
C LEU A 507 32.92 -7.16 17.02
N TRP A 508 32.64 -6.95 18.31
CA TRP A 508 32.76 -5.64 18.92
C TRP A 508 34.05 -5.47 19.71
N GLU A 509 34.88 -6.51 19.80
CA GLU A 509 36.21 -6.37 20.37
C GLU A 509 37.11 -5.72 19.33
N ALA A 510 37.60 -4.51 19.63
CA ALA A 510 38.30 -3.66 18.67
C ALA A 510 37.40 -3.39 17.46
N THR A 511 36.27 -2.74 17.73
CA THR A 511 35.26 -2.48 16.71
C THR A 511 35.77 -1.58 15.59
N GLU A 512 36.89 -0.87 15.81
CA GLU A 512 37.49 -0.07 14.76
C GLU A 512 37.84 -0.90 13.53
N ASP A 513 38.04 -2.21 13.70
CA ASP A 513 38.39 -3.07 12.57
C ASP A 513 37.16 -3.50 11.77
N ASN A 514 36.05 -3.78 12.43
CA ASN A 514 34.88 -4.33 11.74
C ASN A 514 33.61 -3.92 12.45
N LEU A 515 32.53 -3.82 11.69
CA LEU A 515 31.22 -3.42 12.20
C LEU A 515 30.16 -3.73 11.14
N LEU A 516 28.98 -4.14 11.59
CA LEU A 516 27.92 -4.59 10.71
C LEU A 516 26.67 -3.74 10.89
N LEU A 517 25.68 -3.98 10.03
CA LEU A 517 24.44 -3.22 9.98
C LEU A 517 23.30 -4.16 9.63
N ARG A 518 22.11 -3.93 10.20
CA ARG A 518 21.07 -4.96 10.10
C ARG A 518 20.13 -4.73 8.91
N LEU A 519 19.40 -3.59 8.87
CA LEU A 519 18.53 -3.33 7.74
C LEU A 519 17.55 -4.50 7.54
N VAL A 520 16.59 -4.59 8.46
CA VAL A 520 16.34 -5.75 9.28
C VAL A 520 16.38 -7.09 8.55
N ASP A 521 15.77 -7.19 7.37
CA ASP A 521 15.71 -8.52 6.76
C ASP A 521 17.00 -8.90 6.04
N ASP A 522 17.93 -7.98 5.87
CA ASP A 522 19.22 -8.25 5.24
C ASP A 522 20.34 -8.19 6.28
N PHE A 523 21.58 -8.35 5.81
CA PHE A 523 22.75 -8.24 6.66
C PHE A 523 23.97 -7.92 5.78
N ILE A 524 24.86 -7.09 6.32
CA ILE A 524 26.14 -6.79 5.67
C ILE A 524 27.21 -6.67 6.74
N PHE A 525 28.44 -7.05 6.39
CA PHE A 525 29.56 -7.01 7.31
C PHE A 525 30.82 -6.59 6.57
N ILE A 526 31.57 -5.66 7.16
CA ILE A 526 32.82 -5.17 6.58
C ILE A 526 33.93 -5.39 7.60
N THR A 527 35.04 -5.97 7.15
CA THR A 527 36.19 -6.22 8.01
C THR A 527 37.47 -5.95 7.22
N SER A 528 38.58 -5.88 7.94
CA SER A 528 39.89 -5.61 7.35
C SER A 528 40.83 -6.81 7.40
N ASN A 529 40.54 -7.83 8.20
CA ASN A 529 41.40 -8.99 8.34
C ASN A 529 40.57 -10.26 8.25
N LYS A 530 41.22 -11.32 7.76
CA LYS A 530 40.55 -12.61 7.59
C LYS A 530 40.21 -13.28 8.92
N ASP A 531 40.87 -12.87 10.00
CA ASP A 531 40.64 -13.51 11.30
C ASP A 531 39.19 -13.36 11.75
N THR A 532 38.64 -12.15 11.67
CA THR A 532 37.28 -11.91 12.12
C THR A 532 36.24 -12.31 11.08
N LEU A 533 36.62 -12.38 9.80
CA LEU A 533 35.67 -12.82 8.78
C LEU A 533 35.41 -14.31 8.88
N LYS A 534 36.46 -15.09 9.16
CA LYS A 534 36.29 -16.54 9.29
C LYS A 534 35.41 -16.90 10.48
N LYS A 535 35.37 -16.05 11.50
CA LYS A 535 34.59 -16.36 12.70
C LYS A 535 33.11 -16.01 12.53
N VAL A 536 32.81 -14.92 11.80
CA VAL A 536 31.42 -14.56 11.58
C VAL A 536 30.80 -15.46 10.52
N LYS A 537 31.57 -15.89 9.53
CA LYS A 537 31.05 -16.79 8.51
C LYS A 537 30.68 -18.15 9.10
N ASP A 538 31.41 -18.60 10.12
CA ASP A 538 31.08 -19.87 10.78
C ASP A 538 29.70 -19.81 11.41
N LYS A 539 29.37 -18.72 12.12
CA LYS A 539 28.13 -18.66 12.87
C LYS A 539 26.92 -18.66 11.95
N ILE A 540 26.98 -17.92 10.84
CA ILE A 540 25.83 -17.88 9.93
C ILE A 540 25.65 -19.22 9.24
N SER A 541 26.75 -19.92 8.94
CA SER A 541 26.68 -21.24 8.31
C SER A 541 26.35 -22.35 9.29
N SER A 542 26.16 -22.02 10.57
CA SER A 542 25.85 -23.00 11.61
C SER A 542 24.40 -22.85 12.05
N ASN A 543 23.91 -23.86 12.76
CA ASN A 543 22.55 -23.87 13.28
C ASN A 543 22.37 -23.00 14.51
N GLU A 544 23.43 -22.35 15.00
CA GLU A 544 23.31 -21.51 16.18
C GLU A 544 22.33 -20.36 15.97
N LEU A 545 22.25 -19.84 14.75
CA LEU A 545 21.41 -18.67 14.48
C LEU A 545 19.94 -19.03 14.31
N GLN A 546 19.61 -20.26 13.95
CA GLN A 546 18.21 -20.64 13.74
C GLN A 546 17.52 -21.02 15.05
N LYS A 547 18.13 -20.74 16.21
CA LYS A 547 17.41 -20.85 17.46
C LYS A 547 16.44 -19.70 17.64
N TYR A 548 16.85 -18.50 17.19
CA TYR A 548 15.97 -17.33 17.18
C TYR A 548 14.91 -17.41 16.11
N GLY A 549 14.93 -18.42 15.25
CA GLY A 549 14.01 -18.51 14.14
C GLY A 549 14.47 -17.75 12.91
N ALA A 550 15.78 -17.69 12.66
CA ALA A 550 16.34 -16.98 11.51
C ALA A 550 17.19 -17.96 10.72
N PHE A 551 16.73 -18.31 9.52
CA PHE A 551 17.42 -19.26 8.67
C PHE A 551 18.10 -18.51 7.54
N VAL A 552 19.43 -18.61 7.47
CA VAL A 552 20.20 -17.84 6.50
C VAL A 552 19.88 -18.31 5.08
N ASN A 553 19.71 -17.36 4.17
CA ASN A 553 19.48 -17.64 2.76
C ASN A 553 20.82 -17.69 2.06
N HIS A 554 21.45 -18.87 2.06
CA HIS A 554 22.77 -19.02 1.48
C HIS A 554 22.76 -18.88 -0.03
N GLU A 555 21.59 -18.96 -0.66
CA GLU A 555 21.51 -18.75 -2.11
C GLU A 555 21.83 -17.32 -2.50
N LYS A 556 21.57 -16.36 -1.62
CA LYS A 556 21.84 -14.95 -1.85
C LYS A 556 22.88 -14.43 -0.86
N THR A 557 23.91 -15.22 -0.61
CA THR A 557 25.01 -14.83 0.27
C THR A 557 26.24 -14.58 -0.61
N VAL A 558 26.62 -13.31 -0.73
CA VAL A 558 27.70 -12.88 -1.61
C VAL A 558 28.91 -12.51 -0.78
N GLU A 559 30.10 -12.80 -1.30
CA GLU A 559 31.35 -12.48 -0.64
C GLU A 559 32.24 -11.75 -1.63
N ILE A 560 32.90 -10.69 -1.18
CA ILE A 560 33.71 -9.84 -2.03
C ILE A 560 34.92 -9.35 -1.25
N ASN A 561 36.09 -9.40 -1.89
CA ASN A 561 37.33 -8.96 -1.29
C ASN A 561 38.06 -8.02 -2.23
N GLY A 562 38.77 -7.05 -1.66
CA GLY A 562 39.50 -6.07 -2.43
C GLY A 562 40.90 -6.54 -2.79
N GLU A 563 41.04 -7.79 -3.22
CA GLU A 563 42.32 -8.41 -3.49
C GLU A 563 42.82 -8.17 -4.90
N ALA A 564 42.33 -7.12 -5.57
CA ALA A 564 42.82 -6.72 -6.90
C ALA A 564 42.68 -7.86 -7.91
N GLY A 565 41.44 -8.26 -8.16
CA GLY A 565 41.17 -9.31 -9.11
C GLY A 565 40.05 -10.24 -8.71
N SER A 566 39.57 -10.13 -7.46
CA SER A 566 38.41 -10.91 -7.03
C SER A 566 37.11 -10.19 -7.37
N SER A 567 36.93 -8.98 -6.85
CA SER A 567 35.83 -8.10 -7.22
C SER A 567 36.01 -6.78 -6.50
N ASN A 568 35.36 -5.73 -7.01
CA ASN A 568 35.25 -4.48 -6.30
C ASN A 568 33.79 -4.04 -6.19
N LYS A 569 33.02 -4.34 -7.23
CA LYS A 569 31.61 -3.93 -7.28
C LYS A 569 30.73 -4.94 -6.54
N THR A 571 26.51 -4.92 -4.66
CA THR A 571 25.28 -4.17 -4.41
C THR A 571 24.64 -4.69 -3.13
N PHE A 572 24.58 -3.84 -2.11
CA PHE A 572 23.76 -4.10 -0.93
C PHE A 572 22.37 -3.53 -1.18
N VAL A 573 21.53 -3.46 -0.15
CA VAL A 573 20.15 -3.03 -0.32
C VAL A 573 20.16 -1.54 -0.65
N GLY A 574 19.86 -1.22 -1.91
CA GLY A 574 19.85 0.16 -2.35
C GLY A 574 21.20 0.85 -2.33
N LEU A 575 22.30 0.12 -2.14
CA LEU A 575 23.62 0.72 -2.07
C LEU A 575 24.58 -0.06 -2.95
N ASP A 576 25.21 0.64 -3.90
CA ASP A 576 26.27 0.05 -4.73
C ASP A 576 27.60 0.31 -4.04
N ILE A 577 27.90 -0.51 -3.05
CA ILE A 577 29.08 -0.32 -2.21
C ILE A 577 30.30 -0.88 -2.94
N ASN A 578 31.35 -0.06 -3.02
CA ASN A 578 32.61 -0.46 -3.64
C ASN A 578 33.56 -0.96 -2.56
N CYS A 579 34.19 -2.11 -2.81
CA CYS A 579 35.02 -2.75 -1.81
C CYS A 579 36.30 -1.97 -1.49
N LEU A 580 36.64 -0.96 -2.29
CA LEU A 580 37.86 -0.19 -2.06
C LEU A 580 37.59 1.26 -1.71
N THR A 581 36.79 1.97 -2.50
CA THR A 581 36.54 3.39 -2.27
C THR A 581 35.25 3.68 -1.51
N LEU A 582 34.39 2.66 -1.32
CA LEU A 582 33.17 2.79 -0.51
C LEU A 582 32.20 3.82 -1.08
N ASP A 583 32.27 4.09 -2.38
CA ASP A 583 31.34 5.04 -2.99
C ASP A 583 29.93 4.45 -3.06
N VAL A 584 28.94 5.33 -3.14
CA VAL A 584 27.54 4.94 -3.11
C VAL A 584 26.74 5.81 -4.09
N LYS A 585 25.92 5.15 -4.90
CA LYS A 585 24.88 5.79 -5.71
C LYS A 585 23.73 4.80 -5.75
N LYS A 586 22.53 5.20 -5.28
CA LYS A 586 21.65 4.18 -4.71
C LYS A 586 20.90 3.37 -5.78
N ASP A 587 20.07 4.02 -6.59
CA ASP A 587 19.66 3.34 -7.82
C ASP A 587 19.80 4.21 -9.07
N SER A 588 19.49 5.51 -8.96
CA SER A 588 19.33 6.41 -10.09
C SER A 588 18.17 5.98 -10.99
N SER A 589 17.45 4.93 -10.59
CA SER A 589 16.53 4.26 -11.50
C SER A 589 15.11 4.06 -10.96
N GLN A 590 14.96 3.95 -9.64
CA GLN A 590 13.72 3.42 -9.09
C GLN A 590 12.52 4.30 -9.41
N PHE A 591 12.73 5.60 -9.60
CA PHE A 591 11.67 6.52 -10.03
C PHE A 591 12.13 7.20 -11.31
N SER A 592 11.31 7.11 -12.35
CA SER A 592 11.72 7.49 -13.69
C SER A 592 11.70 9.00 -13.90
N ARG A 593 12.31 9.43 -15.00
CA ARG A 593 12.35 10.84 -15.35
C ARG A 593 10.95 11.36 -15.67
N PRO A 594 10.64 12.61 -15.33
CA PRO A 594 9.32 13.16 -15.67
C PRO A 594 9.13 13.48 -17.14
N THR A 595 10.19 13.40 -17.96
CA THR A 595 10.13 13.69 -19.39
C THR A 595 9.55 15.09 -19.64
N CYS A 596 10.26 16.09 -19.11
CA CYS A 596 9.75 17.46 -19.12
C CYS A 596 9.81 18.06 -20.52
N LYS A 597 8.66 18.51 -21.02
CA LYS A 597 8.58 19.26 -22.27
C LYS A 597 7.68 20.49 -22.19
N PHE A 598 7.01 20.70 -21.06
CA PHE A 598 5.91 21.66 -20.99
C PHE A 598 6.41 23.10 -21.02
N ARG A 599 5.52 23.99 -21.46
CA ARG A 599 5.81 25.41 -21.61
C ARG A 599 5.43 26.17 -20.34
N SER A 600 5.45 27.50 -20.42
CA SER A 600 5.22 28.41 -19.31
C SER A 600 3.80 28.99 -19.39
N PHE A 601 3.30 29.50 -18.25
CA PHE A 601 4.00 29.57 -16.97
C PHE A 601 3.67 28.38 -16.08
N LYS A 602 2.38 28.18 -15.81
CA LYS A 602 1.91 27.23 -14.83
C LYS A 602 1.51 25.90 -15.46
N ALA A 603 1.82 25.69 -16.74
CA ALA A 603 1.62 24.37 -17.33
C ALA A 603 2.71 23.39 -16.89
N LEU A 604 3.92 23.90 -16.64
CA LEU A 604 4.97 23.08 -16.04
C LEU A 604 4.53 22.57 -14.67
N PHE A 605 4.06 23.48 -13.80
CA PHE A 605 3.67 23.10 -12.44
C PHE A 605 2.60 22.01 -12.46
N SER A 606 1.55 22.20 -13.26
CA SER A 606 0.41 21.28 -13.27
C SER A 606 0.84 19.84 -13.51
N ASN A 607 1.74 19.62 -14.47
CA ASN A 607 2.17 18.26 -14.78
C ASN A 607 2.91 17.63 -13.60
N LEU A 608 3.77 18.41 -12.93
CA LEU A 608 4.52 17.88 -11.80
C LEU A 608 3.60 17.54 -10.64
N LYS A 609 2.63 18.42 -10.33
CA LYS A 609 1.69 18.17 -9.24
C LYS A 609 1.02 16.82 -9.39
N GLN A 610 0.34 16.60 -10.51
CA GLN A 610 -0.40 15.35 -10.72
C GLN A 610 0.54 14.15 -10.76
N PHE A 611 1.76 14.32 -11.26
CA PHE A 611 2.74 13.24 -11.31
C PHE A 611 3.73 13.30 -10.15
N TYR A 612 3.40 14.03 -9.09
CA TYR A 612 4.06 13.91 -7.81
C TYR A 612 3.26 13.09 -6.82
N CYS A 613 1.95 13.33 -6.74
CA CYS A 613 1.08 12.51 -5.91
C CYS A 613 0.96 11.09 -6.46
N SER A 614 1.05 10.93 -7.78
CA SER A 614 0.99 9.59 -8.37
C SER A 614 2.18 8.74 -7.94
N ASN A 615 3.37 9.36 -7.87
CA ASN A 615 4.52 8.68 -7.29
C ASN A 615 4.52 8.69 -5.77
N LEU A 616 3.66 9.51 -5.16
CA LEU A 616 3.51 9.53 -3.71
C LEU A 616 2.33 8.63 -3.32
N SER A 617 2.52 7.34 -3.57
CA SER A 617 1.48 6.37 -3.24
C SER A 617 1.40 6.17 -1.73
N GLU A 618 0.19 5.86 -1.26
CA GLU A 618 0.00 5.67 0.17
C GLU A 618 0.61 4.37 0.68
N PHE A 619 0.94 3.44 -0.22
CA PHE A 619 1.71 2.27 0.20
C PHE A 619 3.13 2.66 0.63
N LEU A 620 3.70 3.70 0.02
CA LEU A 620 5.03 4.17 0.41
C LEU A 620 5.00 4.79 1.80
N LEU A 621 4.03 5.66 2.05
CA LEU A 621 3.86 6.40 3.30
C LEU A 621 3.31 5.53 4.44
N ASP A 622 3.20 4.22 4.25
CA ASP A 622 2.65 3.34 5.29
C ASP A 622 3.61 3.28 6.48
N PHE A 623 3.18 3.78 7.63
CA PHE A 623 4.03 3.80 8.81
C PHE A 623 4.26 2.40 9.37
N SER A 624 3.29 1.50 9.23
CA SER A 624 3.45 0.15 9.72
C SER A 624 4.35 -0.68 8.81
N SER A 625 4.20 -0.53 7.50
CA SER A 625 4.99 -1.33 6.56
C SER A 625 6.47 -0.93 6.59
N ASN A 626 6.75 0.36 6.40
CA ASN A 626 8.12 0.86 6.36
C ASN A 626 8.43 1.68 7.61
N SER A 627 9.72 1.91 7.83
CA SER A 627 10.16 2.68 8.98
C SER A 627 9.84 4.16 8.78
N LEU A 628 9.76 4.87 9.91
CA LEU A 628 9.51 6.31 9.86
C LEU A 628 10.64 7.04 9.16
N GLU A 629 11.88 6.65 9.44
CA GLU A 629 13.03 7.26 8.77
C GLU A 629 13.08 6.88 7.29
N THR A 630 12.64 5.66 6.95
CA THR A 630 12.68 5.23 5.56
C THR A 630 11.64 5.97 4.72
N ILE A 631 10.56 6.43 5.34
CA ILE A 631 9.58 7.24 4.62
C ILE A 631 10.18 8.58 4.23
N ARG A 632 10.99 9.16 5.12
CA ARG A 632 11.69 10.40 4.80
C ARG A 632 12.56 10.25 3.56
N GLU A 633 13.25 9.11 3.43
CA GLU A 633 14.15 8.90 2.30
C GLU A 633 13.39 8.87 0.97
N ASN A 634 12.33 8.05 0.90
CA ASN A 634 11.63 7.90 -0.37
C ASN A 634 10.76 9.11 -0.69
N VAL A 635 10.29 9.84 0.32
CA VAL A 635 9.52 11.05 0.03
C VAL A 635 10.44 12.14 -0.52
N ASP A 636 11.73 12.11 -0.16
CA ASP A 636 12.68 13.05 -0.73
C ASP A 636 13.04 12.67 -2.16
N ALA A 637 13.18 11.37 -2.43
CA ALA A 637 13.50 10.93 -3.79
C ALA A 637 12.39 11.33 -4.75
N ILE A 638 11.13 11.13 -4.36
CA ILE A 638 10.01 11.63 -5.14
C ILE A 638 10.09 13.16 -5.25
N LEU A 639 10.47 13.81 -4.15
CA LEU A 639 10.59 15.26 -4.15
C LEU A 639 11.73 15.74 -5.05
N LYS A 640 12.90 15.11 -4.92
CA LYS A 640 14.10 15.60 -5.60
C LYS A 640 13.96 15.53 -7.11
N LEU A 641 13.40 14.44 -7.63
CA LEU A 641 13.32 14.26 -9.08
C LEU A 641 12.42 15.30 -9.74
N THR A 642 11.48 15.87 -9.00
CA THR A 642 10.59 16.90 -9.55
C THR A 642 11.06 18.31 -9.21
N PHE A 643 12.34 18.47 -8.85
CA PHE A 643 12.90 19.79 -8.62
C PHE A 643 14.17 19.99 -9.44
N GLU A 644 14.89 18.90 -9.72
CA GLU A 644 16.02 18.97 -10.64
C GLU A 644 15.56 18.99 -12.09
N ALA A 645 14.37 18.45 -12.39
CA ALA A 645 13.80 18.61 -13.72
C ALA A 645 13.25 20.01 -13.93
N ILE A 646 12.92 20.73 -12.86
CA ILE A 646 12.52 22.12 -12.99
C ILE A 646 13.69 22.97 -13.46
N GLN A 647 14.86 22.77 -12.83
CA GLN A 647 16.03 23.59 -13.15
C GLN A 647 16.50 23.37 -14.58
N THR A 648 16.34 22.15 -15.10
CA THR A 648 16.75 21.86 -16.47
C THR A 648 15.98 22.71 -17.46
N SER A 649 14.65 22.61 -17.45
CA SER A 649 13.81 23.36 -18.38
C SER A 649 13.48 24.76 -17.89
N PHE A 650 14.09 25.20 -16.78
CA PHE A 650 13.85 26.56 -16.31
C PHE A 650 14.51 27.58 -17.22
N ALA A 651 15.77 27.33 -17.60
CA ALA A 651 16.49 28.28 -18.45
C ALA A 651 16.03 28.26 -19.89
N THR A 652 15.42 27.16 -20.33
CA THR A 652 14.92 27.09 -21.71
C THR A 652 13.84 28.15 -21.95
N ILE A 653 12.84 28.20 -21.06
CA ILE A 653 11.72 29.13 -21.21
C ILE A 653 11.99 30.39 -20.38
N SER A 654 13.19 30.48 -19.82
CA SER A 654 13.57 31.70 -19.11
C SER A 654 13.67 32.89 -20.05
N LYS A 655 14.12 32.65 -21.29
CA LYS A 655 14.19 33.73 -22.28
C LYS A 655 12.80 34.18 -22.69
N GLN A 656 11.84 33.25 -22.78
CA GLN A 656 10.50 33.59 -23.22
C GLN A 656 9.66 34.16 -22.09
N ASP A 657 9.78 33.59 -20.88
CA ASP A 657 8.89 33.93 -19.77
C ASP A 657 9.69 33.95 -18.48
N SER A 658 9.65 35.08 -17.77
CA SER A 658 10.29 35.21 -16.47
C SER A 658 9.31 34.80 -15.39
N PHE A 659 9.63 33.73 -14.67
CA PHE A 659 8.74 33.20 -13.64
C PHE A 659 8.49 34.22 -12.54
N GLU A 660 7.30 34.15 -11.96
CA GLU A 660 6.92 35.01 -10.85
C GLU A 660 7.21 34.32 -9.53
N ARG A 661 7.80 35.05 -8.60
CA ARG A 661 8.22 34.51 -7.31
C ARG A 661 7.07 34.28 -6.33
N TYR A 662 5.82 34.45 -6.77
CA TYR A 662 4.67 34.18 -5.92
C TYR A 662 3.76 33.09 -6.46
N ARG A 663 3.97 32.63 -7.70
CA ARG A 663 3.26 31.47 -8.21
C ARG A 663 3.99 30.17 -7.92
N PHE A 664 5.29 30.23 -7.62
CA PHE A 664 6.02 29.05 -7.16
C PHE A 664 5.80 28.78 -5.68
N LYS A 666 2.78 29.11 -3.86
CA LYS A 666 1.57 28.31 -3.70
C LYS A 666 1.75 26.91 -4.27
N PHE A 667 2.65 26.75 -5.24
CA PHE A 667 3.00 25.41 -5.71
C PHE A 667 3.64 24.60 -4.59
N LEU A 668 4.67 25.15 -3.94
CA LEU A 668 5.30 24.47 -2.82
C LEU A 668 4.30 24.22 -1.69
N HIS A 669 3.47 25.23 -1.38
CA HIS A 669 2.49 25.09 -0.32
C HIS A 669 1.54 23.92 -0.58
N VAL A 670 1.12 23.74 -1.84
CA VAL A 670 0.25 22.62 -2.17
C VAL A 670 1.01 21.30 -2.09
N ILE A 671 2.23 21.27 -2.67
CA ILE A 671 3.02 20.04 -2.68
C ILE A 671 3.35 19.60 -1.26
N ILE A 672 3.72 20.54 -0.40
CA ILE A 672 4.06 20.20 0.98
C ILE A 672 2.80 19.75 1.73
N GLU A 673 1.71 20.50 1.60
CA GLU A 673 0.50 20.20 2.34
C GLU A 673 -0.07 18.84 1.94
N THR A 674 -0.13 18.56 0.63
CA THR A 674 -0.66 17.28 0.18
C THR A 674 0.23 16.11 0.60
N THR A 675 1.51 16.36 0.90
CA THR A 675 2.40 15.29 1.33
C THR A 675 2.15 14.91 2.79
N ILE A 676 2.06 15.90 3.68
CA ILE A 676 1.85 15.60 5.09
C ILE A 676 0.40 15.17 5.34
N GLU A 677 -0.54 15.63 4.52
CA GLU A 677 -1.92 15.19 4.67
C GLU A 677 -2.09 13.75 4.20
N LYS A 678 -1.43 13.39 3.10
CA LYS A 678 -1.49 12.00 2.64
C LYS A 678 -0.83 11.05 3.65
N PHE A 679 0.30 11.47 4.22
CA PHE A 679 1.04 10.60 5.13
C PHE A 679 0.26 10.33 6.41
N ALA A 680 -0.39 11.34 6.96
CA ALA A 680 -1.14 11.14 8.20
C ALA A 680 -2.44 10.39 7.96
N ARG A 681 -3.16 10.70 6.87
CA ARG A 681 -4.47 10.11 6.66
C ARG A 681 -4.38 8.63 6.29
N VAL A 682 -3.27 8.18 5.72
CA VAL A 682 -3.16 6.76 5.38
C VAL A 682 -2.98 5.93 6.65
N ASN A 683 -2.12 6.38 7.56
CA ASN A 683 -1.89 5.64 8.80
C ASN A 683 -3.06 5.82 9.76
N GLY A 684 -3.70 7.00 9.74
CA GLY A 684 -4.72 7.35 10.69
C GLY A 684 -4.20 8.12 11.89
N SER A 685 -2.98 7.85 12.32
CA SER A 685 -2.34 8.61 13.38
C SER A 685 -1.61 9.80 12.76
N GLU A 687 1.89 10.31 13.83
CA GLU A 687 3.21 10.07 14.37
C GLU A 687 4.29 10.71 13.49
N GLY A 688 4.99 11.69 14.03
CA GLY A 688 6.08 12.31 13.31
C GLY A 688 5.65 13.13 12.11
N VAL A 689 4.54 13.86 12.22
CA VAL A 689 4.14 14.73 11.12
C VAL A 689 4.96 16.01 11.12
N GLU A 690 5.32 16.52 12.30
CA GLU A 690 6.30 17.59 12.38
C GLU A 690 7.68 17.10 11.96
N TYR A 691 8.03 15.87 12.34
CA TYR A 691 9.26 15.25 11.87
C TYR A 691 9.36 15.31 10.35
N LEU A 692 8.36 14.73 9.67
CA LEU A 692 8.34 14.78 8.21
C LEU A 692 8.26 16.21 7.69
N LEU A 693 7.63 17.11 8.46
CA LEU A 693 7.48 18.49 8.00
C LEU A 693 8.84 19.16 7.85
N THR A 694 9.67 19.11 8.87
CA THR A 694 11.02 19.67 8.74
C THR A 694 12.00 18.62 8.23
N CYS A 695 11.61 17.95 7.17
CA CYS A 695 12.47 17.26 6.21
C CYS A 695 12.17 17.71 4.79
N ILE A 696 10.90 17.99 4.48
CA ILE A 696 10.53 18.50 3.16
C ILE A 696 11.07 19.91 2.97
N LYS A 697 10.70 20.82 3.88
CA LYS A 697 11.16 22.21 3.80
C LYS A 697 12.67 22.33 3.95
N ILE A 698 13.36 21.25 4.31
CA ILE A 698 14.82 21.24 4.33
C ILE A 698 15.38 20.81 2.98
N THR A 699 14.84 19.73 2.40
CA THR A 699 15.34 19.21 1.14
C THR A 699 14.99 20.10 -0.04
N ILE A 700 14.07 21.05 0.10
CA ILE A 700 13.77 21.99 -0.97
C ILE A 700 14.51 23.31 -0.81
N THR A 701 14.99 23.63 0.40
CA THR A 701 15.82 24.82 0.56
C THR A 701 17.20 24.64 -0.07
N LYS A 702 17.66 23.40 -0.21
CA LYS A 702 18.90 23.11 -0.90
C LYS A 702 18.70 22.90 -2.39
N SER A 703 17.48 22.57 -2.82
CA SER A 703 17.16 22.42 -4.24
C SER A 703 16.77 23.75 -4.90
N LEU A 704 17.10 24.87 -4.26
CA LEU A 704 16.84 26.19 -4.80
C LEU A 704 18.07 27.09 -4.69
N ALA A 705 19.26 26.49 -4.81
CA ALA A 705 20.49 27.26 -4.73
C ALA A 705 20.67 28.17 -5.95
N PHE A 706 20.23 27.71 -7.11
CA PHE A 706 20.26 28.53 -8.31
C PHE A 706 19.28 29.70 -8.17
N ALA A 708 19.95 33.14 -7.82
CA ALA A 708 20.40 33.93 -6.69
C ALA A 708 19.39 35.01 -6.32
N THR A 709 19.35 35.33 -5.03
CA THR A 709 18.32 36.18 -4.41
C THR A 709 16.94 35.53 -4.51
N LYS A 710 16.88 34.24 -4.13
CA LYS A 710 15.64 33.54 -3.85
C LYS A 710 15.27 33.60 -2.36
N GLN A 711 15.72 34.64 -1.66
CA GLN A 711 15.58 34.68 -0.20
C GLN A 711 14.13 34.66 0.23
N GLU A 712 13.28 35.46 -0.44
CA GLU A 712 11.89 35.62 0.01
C GLU A 712 11.15 34.29 0.06
N ILE A 713 11.36 33.43 -0.92
CA ILE A 713 10.65 32.16 -0.95
C ILE A 713 11.29 31.16 0.02
N ILE A 714 12.59 31.26 0.26
CA ILE A 714 13.25 30.35 1.20
C ILE A 714 12.89 30.72 2.63
N GLU A 715 12.87 32.03 2.94
CA GLU A 715 12.46 32.47 4.27
C GLU A 715 11.03 32.06 4.59
N TRP A 716 10.17 31.97 3.57
CA TRP A 716 8.79 31.55 3.79
C TRP A 716 8.71 30.08 4.20
N LEU A 717 9.62 29.25 3.68
CA LEU A 717 9.63 27.83 4.03
C LEU A 717 9.89 27.58 5.51
N TYR A 718 10.53 28.52 6.21
CA TYR A 718 10.86 28.30 7.61
C TYR A 718 9.62 28.38 8.50
N THR A 719 8.69 29.30 8.20
CA THR A 719 7.56 29.57 9.07
C THR A 719 6.53 28.45 9.10
N LEU A 720 6.63 27.45 8.22
CA LEU A 720 5.62 26.40 8.14
C LEU A 720 5.61 25.60 9.43
N THR A 721 4.58 25.79 10.25
CA THR A 721 4.42 24.99 11.47
C THR A 721 3.00 24.43 11.58
N ILE A 722 2.04 25.11 10.98
CA ILE A 722 0.64 24.71 11.07
C ILE A 722 0.09 24.42 9.69
#